data_7DCY
#
_entry.id   7DCY
#
_cell.length_a   69.652
_cell.length_b   80.768
_cell.length_c   176.476
_cell.angle_alpha   90.000
_cell.angle_beta   90.000
_cell.angle_gamma   90.000
#
_symmetry.space_group_name_H-M   'P 21 21 21'
#
loop_
_entity.id
_entity.type
_entity.pdbx_description
1 polymer 'Ribonuclease R'
2 non-polymer 'MAGNESIUM ION'
3 water water
#
_entity_poly.entity_id   1
_entity_poly.type   'polypeptide(L)'
_entity_poly.pdbx_seq_one_letter_code
;MGHHHHHHHHHHSSGHIDDDDKMKVLTELQKQIFTIVKKENGKPIPPGIVVRMMENSPNFPGKHLIYRAIDDLLDWAILR
KAGGVTNQLLVNYEPAEPLLDKKLQGILTLGNKNSGFIRSLDDDKTVYYVHYSNLTGALDGDLVEFCKLDKPQFGDKFDA
AVITILKRARILYAGNFLVDQNEFALEYKIVADNPRFYLTMIVNPDSIPNNLASNTKIAFQIDEYDPDNNLCKVSVQQVL
GNNDDPLINIKAIMLDNSIVFETNDVVEQHANKLSFDTEEQHKAYRQDLTDLAFVTVDPTTSKDLDDAIYVKTIPTGFVL
YVAIADVAHYVNRNSEIDIEAKHKTSSIYLPGHYVVPMLPEQLSNQLCSLNPAQKRYVVVCEISFDNQGRIKTNKLYPAT
IISKNRFSYDQVNKWLNNKSELNCDETVINSLKAAFTLSDLIQAQRQKRGTIDLSHKETEIVVDEHYFPIKINFLVHDKA
ETMIENLMVVANETVAWVLTNNKIALPYRVHPRPSKKKLQSLIETVGELNITKPQFNLDTVTSSQIASWLNENKDNPSYE
IFVILLLRTLGKAFYSVNPLMHFSIGSNHYTHFTSPIRRYIDLTIHRLLWMHLFTPDQFTDNERDQLKQELEKIADTVND
TEIKIINCERNANDYLTTLLLSKQIGKTFSGFISAITSFGIFMRMDENNFDGLIKITTIPDDFFIFEKEKMVLKGRKTNK
VYKIGDRLEAKLSEIDFIQKRAILTLI
;
_entity_poly.pdbx_strand_id   A
#
loop_
_chem_comp.id
_chem_comp.type
_chem_comp.name
_chem_comp.formula
MG non-polymer 'MAGNESIUM ION' 'Mg 2'
#
# COMPACT_ATOMS: atom_id res chain seq x y z
N LEU A 104 28.62 7.98 10.09
CA LEU A 104 29.34 8.72 9.07
C LEU A 104 28.50 8.91 7.79
N GLN A 105 27.61 7.97 7.50
CA GLN A 105 26.78 8.03 6.30
C GLN A 105 25.40 7.46 6.64
N GLY A 106 24.33 8.11 6.17
CA GLY A 106 22.99 7.66 6.53
C GLY A 106 21.88 8.42 5.81
N ILE A 107 20.64 7.98 6.02
CA ILE A 107 19.46 8.53 5.36
C ILE A 107 18.74 9.48 6.33
N LEU A 108 18.47 10.71 5.88
CA LEU A 108 17.83 11.74 6.68
C LEU A 108 16.32 11.59 6.60
N THR A 109 15.65 11.65 7.75
CA THR A 109 14.19 11.72 7.79
C THR A 109 13.80 12.97 8.56
N LEU A 110 12.96 13.82 7.95
CA LEU A 110 12.48 15.03 8.60
C LEU A 110 11.10 14.80 9.17
N GLY A 111 10.83 15.37 10.33
CA GLY A 111 9.54 15.21 10.96
C GLY A 111 8.97 16.54 11.39
N ASN A 112 8.32 16.50 12.54
CA ASN A 112 7.70 17.68 13.12
C ASN A 112 8.71 18.82 13.26
N LYS A 113 8.30 20.02 12.86
CA LYS A 113 9.07 21.27 12.89
C LYS A 113 10.33 21.19 12.04
N ASN A 114 10.38 20.20 11.15
CA ASN A 114 11.49 19.98 10.22
C ASN A 114 12.82 19.78 10.92
N SER A 115 12.79 19.30 12.17
CA SER A 115 13.93 18.57 12.68
C SER A 115 13.70 17.09 12.39
N GLY A 116 14.71 16.27 12.63
CA GLY A 116 14.48 14.86 12.38
C GLY A 116 15.60 14.00 12.87
N PHE A 117 15.92 12.97 12.08
CA PHE A 117 16.93 12.01 12.50
C PHE A 117 17.56 11.37 11.28
N ILE A 118 18.72 10.76 11.52
CA ILE A 118 19.50 10.10 10.49
C ILE A 118 19.65 8.63 10.89
N ARG A 119 19.26 7.75 9.98
CA ARG A 119 19.41 6.31 10.18
C ARG A 119 20.69 5.89 9.45
N SER A 120 21.72 5.52 10.23
CA SER A 120 23.03 5.19 9.67
C SER A 120 22.95 3.97 8.75
N LEU A 121 23.87 3.91 7.78
CA LEU A 121 23.95 2.76 6.88
C LEU A 121 24.70 1.57 7.47
N ASP A 122 25.22 1.67 8.69
CA ASP A 122 25.95 0.58 9.33
C ASP A 122 25.02 -0.61 9.58
N ASP A 123 25.58 -1.68 10.16
CA ASP A 123 24.80 -2.87 10.45
C ASP A 123 23.83 -2.63 11.60
N ASP A 124 24.26 -1.88 12.62
CA ASP A 124 23.36 -1.56 13.72
C ASP A 124 22.25 -0.59 13.31
N LYS A 125 22.34 0.00 12.12
CA LYS A 125 21.35 0.99 11.66
C LYS A 125 21.07 2.03 12.73
N THR A 126 22.15 2.57 13.30
CA THR A 126 22.07 3.49 14.41
C THR A 126 21.35 4.77 14.01
N VAL A 127 20.60 5.34 14.94
CA VAL A 127 19.79 6.53 14.73
C VAL A 127 20.43 7.70 15.50
N TYR A 128 20.61 8.82 14.81
CA TYR A 128 21.11 10.06 15.40
C TYR A 128 20.06 11.16 15.19
N TYR A 129 19.84 11.98 16.22
CA TYR A 129 18.91 13.10 16.06
C TYR A 129 19.64 14.25 15.37
N VAL A 130 18.92 14.97 14.51
CA VAL A 130 19.49 16.17 13.89
C VAL A 130 18.47 17.28 13.98
N HIS A 131 18.88 18.38 14.57
CA HIS A 131 18.05 19.55 14.64
C HIS A 131 18.09 20.29 13.30
N TYR A 132 16.99 21.00 13.00
CA TYR A 132 16.87 21.85 11.81
C TYR A 132 18.14 22.65 11.54
N SER A 133 18.71 23.28 12.57
CA SER A 133 19.87 24.15 12.38
C SER A 133 21.12 23.40 11.93
N ASN A 134 21.12 22.07 12.02
CA ASN A 134 22.29 21.28 11.65
C ASN A 134 22.09 20.48 10.37
N LEU A 135 21.10 20.84 9.54
CA LEU A 135 20.80 20.03 8.37
C LEU A 135 21.72 20.34 7.19
N THR A 136 22.31 21.55 7.12
CA THR A 136 23.29 21.89 6.10
C THR A 136 22.75 21.65 4.68
N GLY A 137 21.51 22.10 4.44
CA GLY A 137 20.89 22.05 3.13
C GLY A 137 20.23 20.74 2.77
N ALA A 138 20.28 19.73 3.63
CA ALA A 138 19.75 18.42 3.32
C ALA A 138 18.23 18.39 3.42
N LEU A 139 17.62 17.56 2.59
CA LEU A 139 16.17 17.43 2.50
C LEU A 139 15.76 16.00 2.82
N ASP A 140 14.46 15.81 3.02
CA ASP A 140 13.92 14.53 3.48
C ASP A 140 14.29 13.40 2.51
N GLY A 141 14.85 12.33 3.05
CA GLY A 141 15.27 11.20 2.26
C GLY A 141 16.68 11.26 1.69
N ASP A 142 17.35 12.42 1.75
CA ASP A 142 18.68 12.52 1.19
C ASP A 142 19.63 11.57 1.92
N LEU A 143 20.58 11.04 1.17
CA LEU A 143 21.71 10.34 1.75
C LEU A 143 22.78 11.37 2.10
N VAL A 144 23.22 11.39 3.37
CA VAL A 144 24.14 12.41 3.82
C VAL A 144 25.36 11.81 4.49
N GLU A 145 26.43 12.59 4.49
CA GLU A 145 27.56 12.36 5.38
C GLU A 145 27.37 13.22 6.62
N PHE A 146 27.54 12.63 7.79
CA PHE A 146 27.25 13.34 9.03
C PHE A 146 28.30 13.02 10.09
N CYS A 147 28.40 13.91 11.07
CA CYS A 147 29.30 13.72 12.19
C CYS A 147 28.49 13.82 13.48
N LYS A 148 28.96 13.10 14.50
CA LYS A 148 28.29 13.15 15.79
C LYS A 148 28.71 14.41 16.53
N LEU A 149 27.75 15.04 17.23
CA LEU A 149 28.03 16.31 17.87
C LEU A 149 28.93 16.12 19.09
N ASP A 150 29.80 17.11 19.34
CA ASP A 150 30.73 16.99 20.46
C ASP A 150 30.04 17.12 21.81
N LYS A 151 28.82 17.66 21.85
CA LYS A 151 27.93 17.55 23.00
C LYS A 151 27.84 16.09 23.39
N PRO A 152 27.64 15.77 24.68
CA PRO A 152 27.47 14.37 25.05
C PRO A 152 26.12 13.82 24.58
N GLN A 153 25.29 13.38 25.52
CA GLN A 153 24.00 12.82 25.18
C GLN A 153 22.96 13.40 26.11
N PHE A 154 21.99 14.13 25.55
CA PHE A 154 20.81 14.53 26.32
C PHE A 154 20.06 13.30 26.83
N GLY A 155 20.07 12.24 26.04
CA GLY A 155 19.33 11.04 26.36
C GLY A 155 18.87 10.37 25.09
N ASP A 156 18.49 9.11 25.24
CA ASP A 156 17.95 8.33 24.14
C ASP A 156 18.99 8.00 23.08
N LYS A 157 19.42 9.00 22.30
CA LYS A 157 20.38 8.77 21.22
C LYS A 157 21.32 9.97 21.10
N PHE A 158 22.40 9.77 20.34
CA PHE A 158 23.34 10.84 20.07
C PHE A 158 22.74 11.85 19.09
N ASP A 159 23.33 13.03 19.05
CA ASP A 159 22.95 14.05 18.09
C ASP A 159 24.03 14.18 17.03
N ALA A 160 23.63 14.58 15.82
CA ALA A 160 24.54 14.68 14.70
C ALA A 160 24.29 15.99 13.95
N ALA A 161 25.25 16.30 13.08
CA ALA A 161 25.15 17.39 12.12
C ALA A 161 25.49 16.84 10.74
N VAL A 162 24.82 17.37 9.71
CA VAL A 162 25.13 16.97 8.34
C VAL A 162 26.40 17.68 7.90
N ILE A 163 27.27 16.95 7.20
CA ILE A 163 28.50 17.52 6.64
C ILE A 163 28.35 17.79 5.15
N THR A 164 27.95 16.79 4.37
CA THR A 164 27.65 16.99 2.95
C THR A 164 26.51 16.08 2.54
N ILE A 165 25.93 16.39 1.39
CA ILE A 165 24.88 15.59 0.79
C ILE A 165 25.51 14.65 -0.22
N LEU A 166 25.36 13.34 -0.02
CA LEU A 166 25.93 12.38 -0.95
C LEU A 166 25.00 12.13 -2.13
N LYS A 167 23.68 12.08 -1.90
CA LYS A 167 22.77 11.86 -3.01
C LYS A 167 21.41 12.42 -2.63
N ARG A 168 20.86 13.31 -3.46
CA ARG A 168 19.52 13.82 -3.21
C ARG A 168 18.50 12.69 -3.36
N ALA A 169 17.46 12.70 -2.49
CA ALA A 169 16.36 11.77 -2.67
C ALA A 169 15.57 12.02 -3.94
N ARG A 170 15.54 13.27 -4.42
CA ARG A 170 14.69 13.61 -5.53
C ARG A 170 15.45 14.59 -6.43
N ILE A 171 15.06 14.63 -7.70
CA ILE A 171 15.56 15.65 -8.59
C ILE A 171 14.49 16.65 -8.97
N LEU A 172 13.21 16.30 -8.85
CA LEU A 172 12.11 17.22 -9.12
C LEU A 172 11.22 17.33 -7.88
N TYR A 173 10.70 18.54 -7.66
CA TYR A 173 9.84 18.86 -6.52
C TYR A 173 8.61 19.59 -7.03
N ALA A 174 7.46 19.36 -6.41
CA ALA A 174 6.25 20.03 -6.82
C ALA A 174 6.11 21.35 -6.05
N GLY A 175 5.45 22.30 -6.67
CA GLY A 175 5.19 23.55 -5.96
C GLY A 175 4.19 24.39 -6.72
N ASN A 176 3.74 25.45 -6.05
CA ASN A 176 2.86 26.43 -6.64
C ASN A 176 3.67 27.64 -7.06
N PHE A 177 3.49 28.10 -8.29
CA PHE A 177 4.21 29.25 -8.82
C PHE A 177 3.35 30.48 -8.66
N LEU A 178 3.97 31.57 -8.18
CA LEU A 178 3.32 32.86 -7.96
C LEU A 178 4.11 33.95 -8.68
N VAL A 179 3.40 34.88 -9.31
CA VAL A 179 4.06 36.00 -9.96
C VAL A 179 3.32 37.27 -9.58
N ASP A 180 4.07 38.30 -9.23
CA ASP A 180 3.48 39.59 -8.93
C ASP A 180 4.40 40.66 -9.48
N GLN A 181 3.81 41.82 -9.75
CA GLN A 181 4.55 42.97 -10.25
C GLN A 181 4.55 44.02 -9.15
N ASN A 182 5.76 44.43 -8.77
CA ASN A 182 5.96 45.40 -7.73
C ASN A 182 7.03 46.31 -8.27
N GLU A 183 6.60 47.53 -8.58
CA GLU A 183 7.50 48.59 -8.97
C GLU A 183 8.08 48.34 -10.34
N PHE A 184 7.16 48.00 -11.22
CA PHE A 184 7.45 47.76 -12.60
C PHE A 184 8.41 46.58 -12.76
N ALA A 185 8.50 45.70 -11.74
CA ALA A 185 9.39 44.55 -11.79
C ALA A 185 8.62 43.28 -11.45
N LEU A 186 8.76 42.26 -12.29
CA LEU A 186 8.17 40.96 -12.00
C LEU A 186 8.92 40.31 -10.87
N GLU A 187 8.18 39.75 -9.91
CA GLU A 187 8.76 38.99 -8.81
C GLU A 187 8.18 37.58 -8.84
N TYR A 188 9.05 36.58 -8.82
CA TYR A 188 8.67 35.18 -8.92
C TYR A 188 8.85 34.50 -7.57
N LYS A 189 7.93 33.61 -7.24
CA LYS A 189 8.01 32.86 -6.00
C LYS A 189 7.47 31.46 -6.25
N ILE A 190 8.02 30.48 -5.55
CA ILE A 190 7.50 29.12 -5.52
C ILE A 190 7.21 28.74 -4.07
N VAL A 191 6.04 28.19 -3.82
CA VAL A 191 5.69 27.62 -2.53
C VAL A 191 5.68 26.11 -2.73
N ALA A 192 6.64 25.40 -2.13
CA ALA A 192 6.72 23.97 -2.35
C ALA A 192 5.51 23.26 -1.73
N ASP A 193 5.03 22.21 -2.40
CA ASP A 193 3.90 21.43 -1.88
C ASP A 193 4.28 20.72 -0.58
N ASN A 194 5.50 20.20 -0.52
CA ASN A 194 5.93 19.40 0.63
C ASN A 194 6.31 20.34 1.77
N PRO A 195 5.66 20.27 2.94
CA PRO A 195 6.06 21.16 4.05
C PRO A 195 7.44 20.82 4.59
N ARG A 196 8.02 19.67 4.25
CA ARG A 196 9.38 19.41 4.68
C ARG A 196 10.40 20.05 3.76
N PHE A 197 10.01 20.60 2.61
CA PHE A 197 10.92 21.38 1.78
C PHE A 197 11.05 22.77 2.41
N TYR A 198 12.14 23.03 3.12
CA TYR A 198 12.24 24.23 3.96
C TYR A 198 13.13 25.32 3.36
N LEU A 199 13.78 25.05 2.22
CA LEU A 199 14.75 26.00 1.67
C LEU A 199 14.05 27.20 1.05
N THR A 200 14.68 28.37 1.17
CA THR A 200 14.21 29.56 0.46
C THR A 200 14.68 29.54 -1.00
N MET A 201 13.77 29.85 -1.92
CA MET A 201 14.02 29.62 -3.34
C MET A 201 14.15 30.92 -4.13
N ILE A 202 15.18 31.02 -4.94
CA ILE A 202 15.34 32.07 -5.93
C ILE A 202 15.02 31.47 -7.29
N VAL A 203 13.93 31.95 -7.91
CA VAL A 203 13.47 31.35 -9.16
C VAL A 203 14.25 31.90 -10.35
N ASN A 204 14.85 31.01 -11.14
CA ASN A 204 15.55 31.36 -12.38
C ASN A 204 14.57 31.94 -13.40
N PRO A 205 14.64 33.23 -13.71
CA PRO A 205 13.64 33.81 -14.63
C PRO A 205 13.69 33.26 -16.03
N ASP A 206 14.86 32.80 -16.51
CA ASP A 206 14.91 32.19 -17.84
C ASP A 206 14.20 30.85 -17.89
N SER A 207 13.81 30.26 -16.76
CA SER A 207 13.02 29.04 -16.77
C SER A 207 11.52 29.31 -16.79
N ILE A 208 11.11 30.57 -16.74
CA ILE A 208 9.69 30.94 -16.58
C ILE A 208 9.15 31.35 -17.95
N PRO A 209 8.22 30.60 -18.54
CA PRO A 209 7.56 31.08 -19.76
C PRO A 209 6.85 32.40 -19.51
N ASN A 210 6.83 33.24 -20.54
CA ASN A 210 6.13 34.52 -20.44
C ASN A 210 4.67 34.34 -20.05
N ASN A 211 4.03 33.27 -20.52
CA ASN A 211 2.60 33.07 -20.25
C ASN A 211 2.29 32.34 -18.95
N LEU A 212 3.29 31.99 -18.13
CA LEU A 212 3.02 31.23 -16.90
C LEU A 212 2.33 32.12 -15.86
N ALA A 213 1.10 31.78 -15.48
CA ALA A 213 0.33 32.65 -14.60
C ALA A 213 0.49 32.22 -13.15
N SER A 214 0.19 33.16 -12.24
CA SER A 214 0.16 32.85 -10.82
C SER A 214 -0.79 31.70 -10.53
N ASN A 215 -0.50 30.98 -9.45
CA ASN A 215 -1.30 29.82 -9.00
C ASN A 215 -1.33 28.72 -10.06
N THR A 216 -0.16 28.42 -10.60
CA THR A 216 0.03 27.28 -11.48
C THR A 216 0.92 26.27 -10.78
N LYS A 217 0.48 25.01 -10.74
CA LYS A 217 1.33 23.95 -10.20
C LYS A 217 2.47 23.66 -11.18
N ILE A 218 3.70 23.54 -10.67
CA ILE A 218 4.88 23.30 -11.48
C ILE A 218 5.72 22.23 -10.79
N ALA A 219 6.72 21.72 -11.52
CA ALA A 219 7.80 20.95 -10.91
C ALA A 219 9.08 21.72 -11.13
N PHE A 220 9.92 21.77 -10.09
CA PHE A 220 11.17 22.51 -10.18
C PHE A 220 12.33 21.60 -9.79
N GLN A 221 13.53 22.00 -10.19
CA GLN A 221 14.75 21.35 -9.74
C GLN A 221 15.60 22.38 -9.03
N ILE A 222 16.53 21.89 -8.20
CA ILE A 222 17.49 22.74 -7.53
C ILE A 222 18.71 22.84 -8.42
N ASP A 223 19.10 24.06 -8.78
CA ASP A 223 20.31 24.24 -9.59
C ASP A 223 21.54 24.44 -8.71
N GLU A 224 21.41 25.15 -7.60
CA GLU A 224 22.52 25.36 -6.67
C GLU A 224 21.93 25.62 -5.31
N TYR A 225 22.71 25.41 -4.25
CA TYR A 225 22.20 25.75 -2.94
C TYR A 225 23.34 26.24 -2.05
N ASP A 226 22.97 27.03 -1.05
CA ASP A 226 23.89 27.60 -0.07
C ASP A 226 23.54 26.98 1.27
N PRO A 227 24.32 26.01 1.76
CA PRO A 227 23.93 25.33 3.01
C PRO A 227 23.98 26.22 4.23
N ASP A 228 24.72 27.33 4.18
CA ASP A 228 24.85 28.19 5.34
C ASP A 228 23.65 29.14 5.52
N ASN A 229 22.87 29.38 4.47
CA ASN A 229 21.76 30.30 4.56
C ASN A 229 20.44 29.66 4.19
N ASN A 230 20.43 28.36 3.89
CA ASN A 230 19.23 27.65 3.45
C ASN A 230 18.57 28.34 2.27
N LEU A 231 19.39 28.80 1.36
CA LEU A 231 18.91 29.43 0.14
C LEU A 231 19.29 28.53 -1.02
N CYS A 232 18.41 28.46 -2.04
CA CYS A 232 18.76 27.71 -3.24
C CYS A 232 18.26 28.43 -4.49
N LYS A 233 18.91 28.15 -5.61
CA LYS A 233 18.43 28.59 -6.92
C LYS A 233 17.67 27.43 -7.52
N VAL A 234 16.48 27.70 -8.06
CA VAL A 234 15.66 26.66 -8.65
C VAL A 234 15.21 27.10 -10.05
N SER A 235 14.90 26.12 -10.88
N SER A 235 14.92 26.12 -10.89
CA SER A 235 14.37 26.39 -12.21
CA SER A 235 14.37 26.37 -12.21
C SER A 235 13.11 25.55 -12.41
C SER A 235 13.10 25.57 -12.37
N VAL A 236 12.10 26.16 -13.03
CA VAL A 236 10.89 25.42 -13.37
C VAL A 236 11.21 24.46 -14.50
N GLN A 237 10.84 23.19 -14.35
CA GLN A 237 11.07 22.16 -15.35
C GLN A 237 9.81 21.65 -16.02
N GLN A 238 8.66 21.69 -15.34
CA GLN A 238 7.40 21.22 -15.90
C GLN A 238 6.31 22.16 -15.43
N VAL A 239 5.36 22.47 -16.30
CA VAL A 239 4.15 23.17 -15.89
C VAL A 239 3.03 22.14 -15.82
N LEU A 240 2.41 21.99 -14.66
CA LEU A 240 1.47 20.90 -14.46
C LEU A 240 0.01 21.31 -14.62
N GLY A 241 -0.36 22.53 -14.26
CA GLY A 241 -1.71 22.95 -14.50
C GLY A 241 -2.19 23.83 -13.39
N ASN A 242 -3.49 24.10 -13.38
CA ASN A 242 -4.05 25.01 -12.37
C ASN A 242 -3.82 24.45 -10.97
N ASN A 243 -3.28 25.29 -10.07
CA ASN A 243 -2.90 24.82 -8.74
C ASN A 243 -4.10 24.46 -7.87
N ASP A 244 -5.29 24.93 -8.21
CA ASP A 244 -6.49 24.62 -7.45
C ASP A 244 -7.23 23.37 -7.95
N ASP A 245 -6.78 22.77 -9.06
CA ASP A 245 -7.41 21.57 -9.64
C ASP A 245 -7.02 20.35 -8.81
N PRO A 246 -7.99 19.60 -8.27
CA PRO A 246 -7.62 18.48 -7.37
C PRO A 246 -6.90 17.35 -8.08
N LEU A 247 -7.23 17.09 -9.34
CA LEU A 247 -6.51 16.05 -10.08
C LEU A 247 -5.05 16.46 -10.30
N ILE A 248 -4.82 17.73 -10.59
CA ILE A 248 -3.45 18.23 -10.75
C ILE A 248 -2.67 18.07 -9.45
N ASN A 249 -3.32 18.32 -8.31
CA ASN A 249 -2.65 18.10 -7.02
C ASN A 249 -2.36 16.63 -6.79
N ILE A 250 -3.27 15.73 -7.21
CA ILE A 250 -2.98 14.30 -7.06
C ILE A 250 -1.79 13.91 -7.93
N LYS A 251 -1.69 14.45 -9.13
CA LYS A 251 -0.52 14.17 -9.97
C LYS A 251 0.77 14.77 -9.41
N ALA A 252 0.70 15.99 -8.85
CA ALA A 252 1.84 16.56 -8.15
C ALA A 252 2.29 15.68 -6.98
N ILE A 253 1.34 15.11 -6.24
CA ILE A 253 1.69 14.26 -5.11
C ILE A 253 2.45 13.02 -5.59
N MET A 254 1.99 12.41 -6.70
CA MET A 254 2.73 11.29 -7.28
C MET A 254 4.15 11.70 -7.66
N LEU A 255 4.29 12.84 -8.33
CA LEU A 255 5.62 13.33 -8.66
C LEU A 255 6.48 13.49 -7.40
N ASP A 256 5.94 14.10 -6.35
CA ASP A 256 6.70 14.25 -5.11
C ASP A 256 7.03 12.92 -4.45
N ASN A 257 6.32 11.85 -4.75
CA ASN A 257 6.68 10.56 -4.21
C ASN A 257 7.45 9.71 -5.22
N SER A 258 7.92 10.31 -6.32
CA SER A 258 8.69 9.63 -7.37
C SER A 258 7.88 8.56 -8.10
N ILE A 259 6.58 8.75 -8.24
CA ILE A 259 5.73 7.74 -8.85
C ILE A 259 5.41 8.17 -10.27
N VAL A 260 5.82 7.36 -11.24
CA VAL A 260 5.55 7.66 -12.65
C VAL A 260 4.07 7.51 -12.93
N PHE A 261 3.49 8.47 -13.65
CA PHE A 261 2.09 8.35 -14.05
C PHE A 261 1.82 8.68 -15.51
N GLU A 262 2.75 9.33 -16.22
CA GLU A 262 2.52 9.60 -17.64
C GLU A 262 2.71 8.33 -18.46
N THR A 263 1.89 8.18 -19.50
CA THR A 263 2.05 7.03 -20.38
C THR A 263 3.41 7.03 -21.05
N ASN A 264 4.04 5.87 -21.13
CA ASN A 264 5.32 5.69 -21.80
C ASN A 264 5.04 5.13 -23.21
N ASP A 265 5.09 6.01 -24.21
CA ASP A 265 4.69 5.65 -25.58
C ASP A 265 5.58 4.55 -26.16
N VAL A 266 6.90 4.62 -25.89
CA VAL A 266 7.80 3.58 -26.37
C VAL A 266 7.36 2.22 -25.86
N VAL A 267 7.08 2.13 -24.55
CA VAL A 267 6.64 0.86 -23.97
C VAL A 267 5.31 0.44 -24.59
N GLU A 268 4.38 1.39 -24.79
CA GLU A 268 3.10 0.99 -25.40
C GLU A 268 3.31 0.49 -26.82
N GLN A 269 4.28 1.07 -27.54
CA GLN A 269 4.54 0.61 -28.90
C GLN A 269 5.11 -0.81 -28.91
N HIS A 270 6.05 -1.11 -28.00
CA HIS A 270 6.53 -2.48 -27.89
C HIS A 270 5.39 -3.44 -27.59
N ALA A 271 4.50 -3.04 -26.68
CA ALA A 271 3.39 -3.92 -26.31
C ALA A 271 2.44 -4.17 -27.47
N ASN A 272 2.21 -3.13 -28.28
CA ASN A 272 1.33 -3.28 -29.45
C ASN A 272 1.87 -4.29 -30.47
N LYS A 273 3.16 -4.62 -30.41
CA LYS A 273 3.63 -5.64 -31.33
C LYS A 273 3.17 -7.04 -30.93
N LEU A 274 2.82 -7.26 -29.66
CA LEU A 274 2.43 -8.60 -29.22
C LEU A 274 1.05 -8.96 -29.73
N SER A 275 0.83 -10.26 -29.94
CA SER A 275 -0.46 -10.73 -30.46
C SER A 275 -0.77 -12.12 -29.93
N PHE A 276 -2.00 -12.55 -30.15
CA PHE A 276 -2.46 -13.86 -29.71
C PHE A 276 -2.00 -14.91 -30.71
N ASP A 277 -1.07 -15.78 -30.31
CA ASP A 277 -0.60 -16.86 -31.17
C ASP A 277 -1.55 -18.04 -31.05
N THR A 278 -2.33 -18.30 -32.10
CA THR A 278 -3.30 -19.40 -32.05
C THR A 278 -2.66 -20.77 -31.88
N GLU A 279 -1.40 -20.93 -32.30
CA GLU A 279 -0.77 -22.24 -32.19
C GLU A 279 -0.28 -22.55 -30.78
N GLU A 280 -0.20 -21.55 -29.91
CA GLU A 280 0.38 -21.77 -28.59
C GLU A 280 -0.49 -22.74 -27.78
N GLN A 281 -1.80 -22.77 -28.05
CA GLN A 281 -2.65 -23.68 -27.29
C GLN A 281 -2.38 -25.14 -27.61
N HIS A 282 -1.74 -25.45 -28.74
CA HIS A 282 -1.44 -26.83 -29.09
C HIS A 282 -0.08 -27.30 -28.58
N LYS A 283 0.63 -26.48 -27.83
CA LYS A 283 1.85 -26.96 -27.21
C LYS A 283 1.53 -28.07 -26.22
N ALA A 284 2.41 -29.08 -26.16
CA ALA A 284 2.16 -30.22 -25.28
C ALA A 284 2.16 -29.82 -23.81
N TYR A 285 2.96 -28.82 -23.43
CA TYR A 285 3.01 -28.45 -22.02
C TYR A 285 1.79 -27.65 -21.58
N ARG A 286 0.91 -27.25 -22.49
CA ARG A 286 -0.18 -26.33 -22.15
C ARG A 286 -1.50 -27.09 -22.16
N GLN A 287 -2.10 -27.25 -20.99
CA GLN A 287 -3.30 -28.04 -20.87
C GLN A 287 -4.50 -27.27 -21.43
N ASP A 288 -5.29 -27.94 -22.26
CA ASP A 288 -6.47 -27.33 -22.87
C ASP A 288 -7.63 -27.44 -21.88
N LEU A 289 -8.01 -26.30 -21.30
CA LEU A 289 -9.08 -26.25 -20.32
C LEU A 289 -10.27 -25.45 -20.84
N THR A 290 -10.35 -25.26 -22.17
CA THR A 290 -11.31 -24.32 -22.75
C THR A 290 -12.76 -24.74 -22.58
N ASP A 291 -13.02 -25.99 -22.20
CA ASP A 291 -14.39 -26.43 -21.97
C ASP A 291 -14.90 -26.10 -20.56
N LEU A 292 -14.03 -25.80 -19.61
CA LEU A 292 -14.46 -25.60 -18.23
C LEU A 292 -15.09 -24.23 -18.06
N ALA A 293 -16.10 -24.16 -17.18
CA ALA A 293 -16.88 -22.94 -16.96
C ALA A 293 -16.18 -21.95 -16.00
N PHE A 294 -14.97 -21.53 -16.38
CA PHE A 294 -14.29 -20.45 -15.64
C PHE A 294 -15.09 -19.16 -15.73
N VAL A 295 -14.96 -18.35 -14.67
CA VAL A 295 -15.55 -17.02 -14.62
C VAL A 295 -14.59 -16.12 -13.85
N THR A 296 -14.77 -14.81 -14.03
CA THR A 296 -14.05 -13.79 -13.29
C THR A 296 -15.05 -13.09 -12.37
N VAL A 297 -14.61 -12.73 -11.17
CA VAL A 297 -15.44 -11.98 -10.22
C VAL A 297 -14.56 -10.86 -9.68
N ASP A 298 -14.95 -9.61 -9.92
CA ASP A 298 -14.10 -8.45 -9.67
C ASP A 298 -14.99 -7.26 -9.34
N PRO A 299 -14.42 -6.18 -8.79
CA PRO A 299 -15.18 -4.93 -8.68
C PRO A 299 -15.64 -4.44 -10.05
N THR A 300 -16.82 -3.82 -10.08
CA THR A 300 -17.43 -3.40 -11.35
C THR A 300 -16.49 -2.53 -12.18
N THR A 301 -15.74 -1.63 -11.53
CA THR A 301 -14.86 -0.70 -12.23
C THR A 301 -13.47 -1.26 -12.55
N SER A 302 -13.12 -2.45 -12.07
CA SER A 302 -11.76 -2.92 -12.24
C SER A 302 -11.51 -3.33 -13.70
N LYS A 303 -10.33 -2.99 -14.21
CA LYS A 303 -9.82 -3.53 -15.46
C LYS A 303 -8.71 -4.55 -15.26
N ASP A 304 -8.36 -4.86 -14.03
CA ASP A 304 -7.45 -5.97 -13.72
C ASP A 304 -8.26 -7.26 -13.76
N LEU A 305 -8.19 -7.97 -14.87
CA LEU A 305 -8.93 -9.22 -14.98
C LEU A 305 -7.95 -10.35 -15.21
N ASP A 306 -7.03 -10.53 -14.29
CA ASP A 306 -5.98 -11.52 -14.48
C ASP A 306 -6.19 -12.80 -13.68
N ASP A 307 -7.36 -12.99 -13.04
CA ASP A 307 -7.64 -14.25 -12.37
C ASP A 307 -9.06 -14.74 -12.64
N ALA A 308 -9.18 -16.04 -12.89
CA ALA A 308 -10.47 -16.69 -13.14
C ALA A 308 -10.57 -17.94 -12.28
N ILE A 309 -11.79 -18.34 -11.91
CA ILE A 309 -11.91 -19.51 -11.04
C ILE A 309 -12.92 -20.50 -11.60
N TYR A 310 -12.66 -21.77 -11.32
CA TYR A 310 -13.64 -22.82 -11.59
C TYR A 310 -13.52 -23.83 -10.46
N VAL A 311 -14.67 -24.29 -9.92
CA VAL A 311 -14.65 -25.26 -8.83
C VAL A 311 -15.55 -26.42 -9.20
N LYS A 312 -15.01 -27.62 -9.06
CA LYS A 312 -15.67 -28.88 -9.40
C LYS A 312 -15.92 -29.66 -8.12
N THR A 313 -17.06 -30.34 -8.04
CA THR A 313 -17.31 -31.28 -6.96
C THR A 313 -16.94 -32.69 -7.42
N ILE A 314 -16.30 -33.43 -6.52
CA ILE A 314 -16.01 -34.84 -6.74
C ILE A 314 -16.59 -35.57 -5.53
N PRO A 315 -16.72 -36.90 -5.55
CA PRO A 315 -17.31 -37.59 -4.39
C PRO A 315 -16.52 -37.37 -3.12
N THR A 316 -15.19 -37.34 -3.21
CA THR A 316 -14.32 -37.16 -2.04
C THR A 316 -14.12 -35.71 -1.64
N GLY A 317 -14.61 -34.75 -2.42
CA GLY A 317 -14.48 -33.34 -2.06
C GLY A 317 -14.59 -32.36 -3.22
N PHE A 318 -13.54 -31.57 -3.44
CA PHE A 318 -13.57 -30.49 -4.41
C PHE A 318 -12.27 -30.43 -5.19
N VAL A 319 -12.34 -29.93 -6.41
CA VAL A 319 -11.17 -29.54 -7.17
C VAL A 319 -11.30 -28.06 -7.50
N LEU A 320 -10.30 -27.29 -7.10
CA LEU A 320 -10.26 -25.86 -7.36
C LEU A 320 -9.28 -25.56 -8.48
N TYR A 321 -9.71 -24.77 -9.47
CA TYR A 321 -8.81 -24.29 -10.52
C TYR A 321 -8.76 -22.76 -10.41
N VAL A 322 -7.56 -22.23 -10.15
CA VAL A 322 -7.32 -20.80 -10.14
C VAL A 322 -6.45 -20.53 -11.35
N ALA A 323 -7.01 -19.84 -12.35
CA ALA A 323 -6.31 -19.56 -13.60
C ALA A 323 -5.84 -18.11 -13.57
N ILE A 324 -4.53 -17.90 -13.75
CA ILE A 324 -3.92 -16.58 -13.67
C ILE A 324 -3.36 -16.23 -15.04
N ALA A 325 -3.63 -15.01 -15.50
CA ALA A 325 -3.14 -14.60 -16.81
C ALA A 325 -1.64 -14.83 -16.92
N ASP A 326 -1.22 -15.37 -18.06
CA ASP A 326 0.14 -15.85 -18.27
C ASP A 326 1.05 -14.70 -18.70
N VAL A 327 1.25 -13.74 -17.80
CA VAL A 327 1.97 -12.51 -18.12
C VAL A 327 3.45 -12.79 -18.42
N ALA A 328 4.07 -13.72 -17.68
CA ALA A 328 5.49 -14.02 -17.93
C ALA A 328 5.71 -14.63 -19.30
N HIS A 329 4.70 -15.29 -19.85
CA HIS A 329 4.80 -15.78 -21.23
C HIS A 329 4.91 -14.62 -22.21
N TYR A 330 4.26 -13.49 -21.92
CA TYR A 330 4.27 -12.33 -22.82
C TYR A 330 5.38 -11.33 -22.53
N VAL A 331 5.85 -11.23 -21.30
CA VAL A 331 6.82 -10.20 -20.92
C VAL A 331 8.16 -10.90 -20.66
N ASN A 332 9.07 -10.80 -21.63
CA ASN A 332 10.37 -11.43 -21.48
C ASN A 332 11.25 -10.64 -20.52
N ARG A 333 12.05 -11.34 -19.74
CA ARG A 333 12.94 -10.70 -18.78
C ARG A 333 13.89 -9.72 -19.49
N ASN A 334 13.99 -8.51 -18.94
CA ASN A 334 14.86 -7.42 -19.41
C ASN A 334 14.39 -6.81 -20.72
N SER A 335 13.18 -7.12 -21.17
CA SER A 335 12.61 -6.37 -22.29
C SER A 335 12.26 -4.97 -21.82
N GLU A 336 11.97 -4.08 -22.78
CA GLU A 336 11.60 -2.72 -22.42
C GLU A 336 10.39 -2.73 -21.49
N ILE A 337 9.40 -3.58 -21.79
CA ILE A 337 8.18 -3.68 -20.97
C ILE A 337 8.53 -4.14 -19.57
N ASP A 338 9.37 -5.17 -19.47
CA ASP A 338 9.78 -5.70 -18.16
C ASP A 338 10.52 -4.65 -17.34
N ILE A 339 11.42 -3.89 -17.98
CA ILE A 339 12.22 -2.90 -17.26
C ILE A 339 11.32 -1.82 -16.71
N GLU A 340 10.36 -1.36 -17.52
CA GLU A 340 9.41 -0.36 -17.04
C GLU A 340 8.53 -0.90 -15.90
N ALA A 341 8.04 -2.14 -16.04
CA ALA A 341 7.29 -2.75 -14.95
C ALA A 341 8.13 -2.85 -13.68
N LYS A 342 9.40 -3.22 -13.82
CA LYS A 342 10.24 -3.37 -12.64
C LYS A 342 10.49 -2.03 -11.97
N HIS A 343 10.62 -0.96 -12.76
CA HIS A 343 10.72 0.39 -12.20
C HIS A 343 9.45 0.75 -11.43
N LYS A 344 8.27 0.53 -12.03
CA LYS A 344 7.03 0.89 -11.33
C LYS A 344 6.78 0.00 -10.11
N THR A 345 7.16 -1.28 -10.21
CA THR A 345 6.92 -2.35 -9.22
C THR A 345 5.45 -2.75 -9.05
N SER A 346 4.49 -1.88 -9.39
CA SER A 346 3.09 -2.14 -9.03
C SER A 346 2.19 -1.18 -9.78
N SER A 347 0.93 -1.56 -9.98
CA SER A 347 -0.05 -0.57 -10.38
C SER A 347 -0.34 0.34 -9.18
N ILE A 348 -0.81 1.57 -9.47
CA ILE A 348 -1.14 2.56 -8.44
C ILE A 348 -2.64 2.82 -8.51
N TYR A 349 -3.30 2.86 -7.34
CA TYR A 349 -4.75 3.02 -7.20
C TYR A 349 -5.05 4.26 -6.37
N LEU A 350 -5.69 5.24 -6.98
CA LEU A 350 -6.00 6.49 -6.27
C LEU A 350 -7.50 6.72 -6.34
N PRO A 351 -8.07 7.68 -5.61
CA PRO A 351 -9.53 7.86 -5.64
C PRO A 351 -10.07 8.19 -7.01
N GLY A 352 -11.39 8.05 -7.14
CA GLY A 352 -12.01 8.23 -8.43
C GLY A 352 -11.71 7.10 -9.39
N HIS A 353 -11.23 5.95 -8.87
CA HIS A 353 -10.81 4.82 -9.70
C HIS A 353 -9.77 5.26 -10.73
N TYR A 354 -8.90 6.18 -10.34
CA TYR A 354 -7.75 6.57 -11.15
C TYR A 354 -6.66 5.53 -10.94
N VAL A 355 -6.24 4.84 -12.00
CA VAL A 355 -5.26 3.77 -11.93
C VAL A 355 -4.08 4.11 -12.83
N VAL A 356 -2.87 3.99 -12.29
CA VAL A 356 -1.66 3.95 -13.10
C VAL A 356 -1.24 2.50 -13.25
N PRO A 357 -1.40 1.90 -14.43
CA PRO A 357 -1.16 0.45 -14.56
C PRO A 357 0.31 0.13 -14.68
N MET A 358 0.68 -1.01 -14.12
CA MET A 358 2.07 -1.42 -14.19
C MET A 358 2.46 -1.82 -15.61
N LEU A 359 1.50 -2.31 -16.37
CA LEU A 359 1.76 -2.83 -17.71
C LEU A 359 0.91 -2.11 -18.74
N PRO A 360 1.39 -2.08 -19.99
CA PRO A 360 0.67 -1.39 -21.07
C PRO A 360 -0.63 -2.07 -21.46
N GLU A 361 -1.40 -1.34 -22.26
CA GLU A 361 -2.80 -1.69 -22.56
C GLU A 361 -2.92 -3.02 -23.29
N GLN A 362 -2.02 -3.31 -24.24
CA GLN A 362 -2.19 -4.53 -25.03
C GLN A 362 -2.06 -5.78 -24.17
N LEU A 363 -1.38 -5.68 -23.03
CA LEU A 363 -1.40 -6.76 -22.04
C LEU A 363 -2.56 -6.59 -21.07
N SER A 364 -2.68 -5.41 -20.44
CA SER A 364 -3.55 -5.25 -19.29
C SER A 364 -5.02 -5.37 -19.66
N ASN A 365 -5.38 -5.01 -20.89
CA ASN A 365 -6.78 -4.99 -21.27
C ASN A 365 -7.09 -5.95 -22.39
N GLN A 366 -6.08 -6.63 -22.92
CA GLN A 366 -6.33 -7.53 -24.03
C GLN A 366 -5.74 -8.90 -23.76
N LEU A 367 -4.45 -9.08 -24.03
CA LEU A 367 -3.89 -10.43 -24.07
C LEU A 367 -3.83 -11.06 -22.67
N CYS A 368 -3.73 -10.25 -21.62
CA CYS A 368 -3.69 -10.78 -20.26
C CYS A 368 -4.92 -10.36 -19.47
N SER A 369 -6.01 -10.07 -20.17
CA SER A 369 -7.30 -9.76 -19.57
C SER A 369 -8.22 -10.92 -19.91
N LEU A 370 -8.75 -11.58 -18.90
CA LEU A 370 -9.49 -12.83 -19.13
C LEU A 370 -10.95 -12.52 -19.45
N ASN A 371 -11.14 -11.88 -20.62
CA ASN A 371 -12.44 -11.39 -21.03
C ASN A 371 -13.36 -12.52 -21.46
N PRO A 372 -14.66 -12.39 -21.23
CA PRO A 372 -15.59 -13.47 -21.61
C PRO A 372 -15.47 -13.81 -23.09
N ALA A 373 -15.55 -15.11 -23.39
CA ALA A 373 -15.64 -15.70 -24.73
C ALA A 373 -14.32 -15.63 -25.51
N GLN A 374 -13.22 -15.17 -24.90
CA GLN A 374 -11.90 -15.09 -25.55
C GLN A 374 -10.99 -16.20 -25.06
N LYS A 375 -10.32 -16.88 -26.00
CA LYS A 375 -9.27 -17.82 -25.61
C LYS A 375 -8.11 -17.04 -25.01
N ARG A 376 -7.60 -17.51 -23.87
CA ARG A 376 -6.54 -16.81 -23.15
C ARG A 376 -5.55 -17.81 -22.58
N TYR A 377 -4.27 -17.45 -22.59
CA TYR A 377 -3.23 -18.30 -22.02
C TYR A 377 -3.04 -17.94 -20.56
N VAL A 378 -2.96 -18.95 -19.70
CA VAL A 378 -2.97 -18.77 -18.26
C VAL A 378 -1.98 -19.72 -17.62
N VAL A 379 -1.73 -19.50 -16.33
CA VAL A 379 -1.03 -20.46 -15.48
C VAL A 379 -2.04 -20.90 -14.42
N VAL A 380 -2.24 -22.21 -14.28
CA VAL A 380 -3.32 -22.73 -13.42
C VAL A 380 -2.70 -23.32 -12.16
N CYS A 381 -3.29 -22.97 -11.03
CA CYS A 381 -3.05 -23.66 -9.77
C CYS A 381 -4.29 -24.51 -9.52
N GLU A 382 -4.14 -25.83 -9.61
CA GLU A 382 -5.23 -26.77 -9.41
C GLU A 382 -5.02 -27.50 -8.09
N ILE A 383 -6.00 -27.42 -7.18
CA ILE A 383 -5.89 -27.96 -5.82
C ILE A 383 -7.10 -28.82 -5.55
N SER A 384 -6.85 -30.07 -5.12
CA SER A 384 -7.89 -31.02 -4.68
C SER A 384 -8.09 -30.90 -3.18
N PHE A 385 -9.35 -30.85 -2.76
CA PHE A 385 -9.68 -30.76 -1.35
C PHE A 385 -10.52 -31.96 -0.93
N ASP A 386 -10.41 -32.35 0.34
CA ASP A 386 -11.40 -33.28 0.86
C ASP A 386 -12.66 -32.51 1.24
N ASN A 387 -13.66 -33.23 1.75
CA ASN A 387 -14.92 -32.60 2.11
C ASN A 387 -14.83 -31.74 3.36
N GLN A 388 -13.68 -31.72 4.04
CA GLN A 388 -13.49 -30.78 5.14
C GLN A 388 -12.70 -29.54 4.74
N GLY A 389 -12.34 -29.39 3.46
CA GLY A 389 -11.57 -28.23 3.05
C GLY A 389 -10.08 -28.38 3.27
N ARG A 390 -9.59 -29.59 3.52
CA ARG A 390 -8.17 -29.83 3.67
C ARG A 390 -7.56 -30.17 2.32
N ILE A 391 -6.40 -29.56 2.05
CA ILE A 391 -5.73 -29.80 0.79
C ILE A 391 -5.22 -31.22 0.72
N LYS A 392 -5.52 -31.91 -0.38
CA LYS A 392 -5.00 -33.25 -0.64
C LYS A 392 -3.83 -33.23 -1.60
N THR A 393 -4.01 -32.63 -2.78
CA THR A 393 -3.00 -32.61 -3.83
C THR A 393 -3.04 -31.27 -4.55
N ASN A 394 -2.02 -31.00 -5.34
CA ASN A 394 -2.02 -29.80 -6.16
C ASN A 394 -1.21 -30.06 -7.42
N LYS A 395 -1.51 -29.29 -8.47
CA LYS A 395 -0.68 -29.26 -9.68
C LYS A 395 -0.63 -27.82 -10.18
N LEU A 396 0.52 -27.42 -10.75
CA LEU A 396 0.66 -26.13 -11.42
C LEU A 396 1.00 -26.38 -12.89
N TYR A 397 0.37 -25.63 -13.79
CA TYR A 397 0.69 -25.86 -15.19
C TYR A 397 0.16 -24.76 -16.08
N PRO A 398 0.80 -24.49 -17.21
CA PRO A 398 0.25 -23.55 -18.19
C PRO A 398 -0.99 -24.15 -18.81
N ALA A 399 -1.93 -23.29 -19.18
CA ALA A 399 -3.17 -23.77 -19.76
C ALA A 399 -3.74 -22.73 -20.71
N THR A 400 -4.84 -23.14 -21.36
CA THR A 400 -5.70 -22.29 -22.16
C THR A 400 -7.11 -22.38 -21.58
N ILE A 401 -7.78 -21.24 -21.43
CA ILE A 401 -9.16 -21.20 -20.97
C ILE A 401 -9.97 -20.26 -21.84
N ILE A 402 -11.29 -20.34 -21.67
CA ILE A 402 -12.21 -19.32 -22.16
C ILE A 402 -13.11 -18.97 -20.98
N SER A 403 -12.96 -17.76 -20.44
CA SER A 403 -13.90 -17.36 -19.38
C SER A 403 -15.30 -17.26 -19.97
N LYS A 404 -16.28 -17.79 -19.25
CA LYS A 404 -17.66 -17.76 -19.72
C LYS A 404 -18.41 -16.54 -19.26
N ASN A 405 -18.00 -15.91 -18.16
CA ASN A 405 -18.73 -14.78 -17.63
C ASN A 405 -17.79 -13.87 -16.86
N ARG A 406 -18.08 -12.58 -16.93
N ARG A 406 -18.06 -12.57 -16.96
CA ARG A 406 -17.44 -11.54 -16.13
CA ARG A 406 -17.44 -11.55 -16.13
C ARG A 406 -18.48 -11.03 -15.15
C ARG A 406 -18.51 -11.07 -15.15
N PHE A 407 -18.28 -11.31 -13.87
CA PHE A 407 -19.21 -10.90 -12.81
C PHE A 407 -18.57 -9.82 -11.94
N SER A 408 -19.43 -8.96 -11.41
CA SER A 408 -19.02 -8.05 -10.36
C SER A 408 -19.36 -8.66 -9.00
N TYR A 409 -18.64 -8.21 -7.96
CA TYR A 409 -19.03 -8.55 -6.60
C TYR A 409 -20.51 -8.27 -6.35
N ASP A 410 -20.99 -7.11 -6.83
CA ASP A 410 -22.37 -6.73 -6.62
C ASP A 410 -23.35 -7.76 -7.20
N GLN A 411 -23.07 -8.25 -8.43
CA GLN A 411 -23.97 -9.22 -9.04
C GLN A 411 -24.00 -10.51 -8.23
N VAL A 412 -22.83 -10.95 -7.77
CA VAL A 412 -22.74 -12.21 -7.07
C VAL A 412 -23.38 -12.09 -5.69
N ASN A 413 -23.18 -10.97 -5.00
CA ASN A 413 -23.81 -10.82 -3.71
C ASN A 413 -25.32 -10.78 -3.82
N LYS A 414 -25.82 -10.07 -4.82
CA LYS A 414 -27.27 -9.99 -5.03
C LYS A 414 -27.83 -11.37 -5.36
N TRP A 415 -27.12 -12.16 -6.16
CA TRP A 415 -27.52 -13.54 -6.40
C TRP A 415 -27.48 -14.36 -5.12
N LEU A 416 -26.54 -14.07 -4.23
CA LEU A 416 -26.41 -14.84 -2.99
C LEU A 416 -27.64 -14.71 -2.11
N ASN A 417 -28.09 -13.48 -1.86
CA ASN A 417 -29.24 -13.22 -1.00
C ASN A 417 -30.57 -13.30 -1.75
N ASN A 418 -30.59 -13.95 -2.91
CA ASN A 418 -31.81 -14.18 -3.69
C ASN A 418 -32.50 -12.89 -4.11
N LYS A 419 -31.78 -11.78 -4.12
CA LYS A 419 -32.35 -10.52 -4.58
C LYS A 419 -32.24 -10.36 -6.08
N SER A 420 -31.71 -11.36 -6.78
CA SER A 420 -31.49 -11.29 -8.22
C SER A 420 -31.07 -12.67 -8.69
N GLU A 421 -30.84 -12.77 -10.00
CA GLU A 421 -30.40 -14.02 -10.61
C GLU A 421 -29.37 -13.71 -11.68
N LEU A 422 -28.50 -14.69 -11.92
CA LEU A 422 -27.39 -14.57 -12.85
C LEU A 422 -27.77 -15.21 -14.18
N ASN A 423 -27.60 -14.46 -15.27
CA ASN A 423 -27.90 -14.99 -16.60
C ASN A 423 -26.64 -15.68 -17.10
N CYS A 424 -26.50 -16.95 -16.75
CA CYS A 424 -25.33 -17.72 -17.13
C CYS A 424 -25.72 -19.17 -17.24
N ASP A 425 -24.83 -19.98 -17.82
CA ASP A 425 -25.04 -21.42 -17.93
C ASP A 425 -25.18 -22.07 -16.56
N GLU A 426 -25.83 -23.23 -16.54
CA GLU A 426 -25.97 -23.96 -15.28
C GLU A 426 -24.62 -24.49 -14.76
N THR A 427 -23.67 -24.74 -15.66
CA THR A 427 -22.33 -25.12 -15.23
C THR A 427 -21.66 -24.00 -14.42
N VAL A 428 -21.94 -22.74 -14.78
CA VAL A 428 -21.40 -21.61 -14.02
C VAL A 428 -22.05 -21.52 -12.64
N ILE A 429 -23.38 -21.67 -12.59
CA ILE A 429 -24.09 -21.66 -11.31
C ILE A 429 -23.53 -22.71 -10.36
N ASN A 430 -23.28 -23.91 -10.87
CA ASN A 430 -22.83 -24.97 -9.97
C ASN A 430 -21.40 -24.74 -9.51
N SER A 431 -20.56 -24.20 -10.39
CA SER A 431 -19.19 -23.86 -9.99
C SER A 431 -19.20 -22.80 -8.89
N LEU A 432 -20.04 -21.77 -9.04
CA LEU A 432 -20.11 -20.72 -8.02
C LEU A 432 -20.64 -21.28 -6.69
N LYS A 433 -21.65 -22.14 -6.73
CA LYS A 433 -22.17 -22.73 -5.50
C LYS A 433 -21.09 -23.55 -4.81
N ALA A 434 -20.37 -24.37 -5.57
CA ALA A 434 -19.27 -25.13 -5.00
C ALA A 434 -18.14 -24.21 -4.54
N ALA A 435 -17.92 -23.09 -5.23
CA ALA A 435 -16.88 -22.16 -4.79
C ALA A 435 -17.23 -21.60 -3.42
N PHE A 436 -18.49 -21.24 -3.19
CA PHE A 436 -18.83 -20.68 -1.88
C PHE A 436 -18.73 -21.74 -0.80
N THR A 437 -19.19 -22.95 -1.10
CA THR A 437 -19.09 -24.05 -0.14
C THR A 437 -17.64 -24.34 0.20
N LEU A 438 -16.82 -24.54 -0.84
CA LEU A 438 -15.40 -24.75 -0.62
C LEU A 438 -14.78 -23.63 0.19
N SER A 439 -15.14 -22.38 -0.13
CA SER A 439 -14.55 -21.23 0.55
C SER A 439 -14.86 -21.22 2.04
N ASP A 440 -16.11 -21.53 2.42
CA ASP A 440 -16.42 -21.61 3.85
C ASP A 440 -15.58 -22.69 4.53
N LEU A 441 -15.41 -23.84 3.88
CA LEU A 441 -14.57 -24.90 4.45
C LEU A 441 -13.13 -24.44 4.62
N ILE A 442 -12.55 -23.84 3.57
CA ILE A 442 -11.18 -23.34 3.65
C ILE A 442 -11.06 -22.31 4.77
N GLN A 443 -12.06 -21.44 4.89
CA GLN A 443 -12.01 -20.45 5.95
C GLN A 443 -11.98 -21.12 7.31
N ALA A 444 -12.79 -22.16 7.49
CA ALA A 444 -12.85 -22.86 8.77
C ALA A 444 -11.53 -23.56 9.08
N GLN A 445 -10.90 -24.20 8.06
CA GLN A 445 -9.60 -24.83 8.27
C GLN A 445 -8.53 -23.82 8.61
N ARG A 446 -8.53 -22.65 7.97
CA ARG A 446 -7.46 -21.69 8.25
C ARG A 446 -7.60 -21.14 9.65
N GLN A 447 -8.84 -20.95 10.11
CA GLN A 447 -9.07 -20.51 11.49
C GLN A 447 -8.61 -21.57 12.48
N LYS A 448 -8.83 -22.83 12.13
CA LYS A 448 -8.39 -23.94 12.98
C LYS A 448 -6.88 -23.96 13.12
N ARG A 449 -6.16 -23.86 11.99
CA ARG A 449 -4.69 -23.89 12.04
C ARG A 449 -4.08 -22.60 12.58
N GLY A 450 -4.81 -21.47 12.54
CA GLY A 450 -4.26 -20.22 13.00
C GLY A 450 -4.18 -19.16 11.91
N THR A 451 -4.96 -18.09 12.05
CA THR A 451 -4.92 -16.97 11.12
C THR A 451 -5.55 -15.77 11.85
N ILE A 452 -5.01 -14.57 11.59
CA ILE A 452 -5.41 -13.36 12.30
C ILE A 452 -6.30 -12.54 11.38
N ASP A 453 -7.59 -12.42 11.72
CA ASP A 453 -8.51 -11.57 10.97
C ASP A 453 -8.38 -10.13 11.45
N LEU A 454 -7.69 -9.29 10.66
CA LEU A 454 -7.45 -7.91 11.04
C LEU A 454 -8.42 -6.93 10.38
N SER A 455 -9.59 -7.40 9.95
CA SER A 455 -10.61 -6.50 9.41
C SER A 455 -10.97 -5.40 10.41
N HIS A 456 -11.13 -4.18 9.91
CA HIS A 456 -11.57 -3.05 10.70
C HIS A 456 -12.23 -2.04 9.75
N LYS A 457 -12.72 -0.93 10.30
CA LYS A 457 -13.37 0.09 9.47
C LYS A 457 -12.41 0.61 8.40
N GLU A 458 -12.91 0.71 7.17
CA GLU A 458 -12.16 1.22 6.03
C GLU A 458 -13.08 2.13 5.24
N THR A 459 -12.50 3.11 4.55
CA THR A 459 -13.32 4.09 3.86
C THR A 459 -12.82 4.30 2.45
N GLU A 460 -13.65 4.95 1.65
CA GLU A 460 -13.22 5.42 0.35
C GLU A 460 -13.78 6.81 0.15
N ILE A 461 -13.10 7.60 -0.69
CA ILE A 461 -13.50 8.98 -0.97
C ILE A 461 -14.23 8.97 -2.29
N VAL A 462 -15.47 9.46 -2.31
CA VAL A 462 -16.22 9.64 -3.55
C VAL A 462 -15.88 11.00 -4.15
N VAL A 463 -15.49 11.05 -5.42
CA VAL A 463 -15.23 12.32 -6.07
C VAL A 463 -16.18 12.51 -7.25
N ASP A 464 -16.40 13.77 -7.63
CA ASP A 464 -17.22 14.09 -8.79
C ASP A 464 -16.39 14.00 -10.08
N GLU A 465 -16.97 14.40 -11.20
CA GLU A 465 -16.30 14.23 -12.49
C GLU A 465 -15.06 15.13 -12.61
N HIS A 466 -14.95 16.17 -11.80
CA HIS A 466 -13.77 17.03 -11.81
C HIS A 466 -12.81 16.70 -10.67
N TYR A 467 -12.99 15.54 -10.05
CA TYR A 467 -12.10 15.03 -9.01
C TYR A 467 -12.23 15.79 -7.69
N PHE A 468 -13.30 16.58 -7.51
CA PHE A 468 -13.57 17.21 -6.23
C PHE A 468 -14.25 16.21 -5.31
N PRO A 469 -13.82 16.11 -4.05
CA PRO A 469 -14.37 15.08 -3.16
C PRO A 469 -15.79 15.45 -2.72
N ILE A 470 -16.66 14.45 -2.67
CA ILE A 470 -18.08 14.65 -2.36
C ILE A 470 -18.40 14.17 -0.96
N LYS A 471 -17.97 12.96 -0.64
CA LYS A 471 -18.26 12.37 0.66
C LYS A 471 -17.32 11.20 0.86
N ILE A 472 -17.33 10.68 2.08
CA ILE A 472 -16.54 9.51 2.44
C ILE A 472 -17.51 8.38 2.73
N ASN A 473 -17.26 7.20 2.14
CA ASN A 473 -18.08 6.01 2.34
C ASN A 473 -17.34 5.01 3.20
N PHE A 474 -18.06 4.32 4.08
CA PHE A 474 -17.48 3.16 4.78
C PHE A 474 -17.68 1.91 3.95
N LEU A 475 -16.61 1.16 3.74
CA LEU A 475 -16.71 -0.13 3.04
C LEU A 475 -17.36 -1.16 3.95
N VAL A 476 -18.09 -2.10 3.35
CA VAL A 476 -18.79 -3.12 4.13
C VAL A 476 -18.20 -4.48 3.80
N HIS A 477 -18.32 -5.40 4.77
CA HIS A 477 -18.00 -6.79 4.50
C HIS A 477 -18.81 -7.26 3.30
N ASP A 478 -18.17 -8.05 2.44
CA ASP A 478 -18.85 -8.54 1.26
C ASP A 478 -18.52 -10.02 1.08
N LYS A 479 -19.56 -10.84 0.92
CA LYS A 479 -19.33 -12.27 0.90
C LYS A 479 -18.64 -12.71 -0.38
N ALA A 480 -18.94 -12.07 -1.51
CA ALA A 480 -18.25 -12.41 -2.76
C ALA A 480 -16.76 -12.04 -2.74
N GLU A 481 -16.36 -10.83 -2.27
CA GLU A 481 -14.90 -10.58 -2.12
C GLU A 481 -14.25 -11.56 -1.19
N THR A 482 -14.92 -11.89 -0.08
CA THR A 482 -14.33 -12.81 0.89
C THR A 482 -14.09 -14.18 0.25
N MET A 483 -15.02 -14.63 -0.59
CA MET A 483 -14.84 -15.91 -1.26
C MET A 483 -13.65 -15.84 -2.23
N ILE A 484 -13.60 -14.78 -3.04
CA ILE A 484 -12.54 -14.69 -4.04
C ILE A 484 -11.20 -14.59 -3.35
N GLU A 485 -11.10 -13.71 -2.35
CA GLU A 485 -9.83 -13.53 -1.63
C GLU A 485 -9.39 -14.81 -0.95
N ASN A 486 -10.35 -15.59 -0.43
CA ASN A 486 -10.02 -16.86 0.21
C ASN A 486 -9.36 -17.82 -0.77
N LEU A 487 -9.90 -17.89 -1.99
CA LEU A 487 -9.34 -18.79 -2.99
C LEU A 487 -7.97 -18.30 -3.47
N MET A 488 -7.77 -16.97 -3.54
CA MET A 488 -6.47 -16.47 -4.00
C MET A 488 -5.40 -16.76 -2.97
N VAL A 489 -5.74 -16.59 -1.69
CA VAL A 489 -4.79 -16.87 -0.62
C VAL A 489 -4.37 -18.33 -0.66
N VAL A 490 -5.30 -19.26 -0.88
CA VAL A 490 -4.87 -20.66 -0.89
C VAL A 490 -3.97 -20.92 -2.10
N ALA A 491 -4.23 -20.28 -3.25
CA ALA A 491 -3.32 -20.44 -4.38
C ALA A 491 -1.93 -19.85 -4.08
N ASN A 492 -1.90 -18.62 -3.54
CA ASN A 492 -0.63 -17.98 -3.15
C ASN A 492 0.18 -18.86 -2.22
N GLU A 493 -0.45 -19.38 -1.16
CA GLU A 493 0.27 -20.21 -0.20
C GLU A 493 0.76 -21.51 -0.85
N THR A 494 -0.09 -22.13 -1.69
CA THR A 494 0.30 -23.38 -2.35
C THR A 494 1.50 -23.18 -3.26
N VAL A 495 1.51 -22.09 -4.06
CA VAL A 495 2.64 -21.84 -4.97
C VAL A 495 3.91 -21.61 -4.16
N ALA A 496 3.80 -20.86 -3.04
CA ALA A 496 4.97 -20.70 -2.17
C ALA A 496 5.53 -22.05 -1.72
N TRP A 497 4.65 -22.97 -1.32
CA TRP A 497 5.15 -24.27 -0.85
C TRP A 497 5.72 -25.10 -1.99
N VAL A 498 5.09 -25.05 -3.18
CA VAL A 498 5.62 -25.82 -4.31
C VAL A 498 7.03 -25.36 -4.67
N LEU A 499 7.23 -24.04 -4.77
CA LEU A 499 8.57 -23.54 -5.07
C LEU A 499 9.56 -23.92 -3.97
N THR A 500 9.15 -23.78 -2.70
CA THR A 500 10.03 -24.14 -1.59
C THR A 500 10.35 -25.64 -1.61
N ASN A 501 9.32 -26.48 -1.84
CA ASN A 501 9.53 -27.93 -1.87
C ASN A 501 10.51 -28.35 -2.94
N ASN A 502 10.53 -27.63 -4.07
CA ASN A 502 11.45 -27.90 -5.15
C ASN A 502 12.80 -27.20 -4.98
N LYS A 503 13.03 -26.56 -3.83
CA LYS A 503 14.29 -25.88 -3.53
C LYS A 503 14.63 -24.81 -4.58
N ILE A 504 13.63 -24.02 -4.92
CA ILE A 504 13.78 -22.88 -5.82
C ILE A 504 13.70 -21.61 -4.97
N ALA A 505 14.74 -20.80 -5.02
CA ALA A 505 14.73 -19.52 -4.30
C ALA A 505 13.65 -18.60 -4.86
N LEU A 506 12.93 -17.93 -3.96
CA LEU A 506 11.85 -17.06 -4.41
C LEU A 506 11.68 -15.93 -3.42
N PRO A 507 11.02 -14.84 -3.82
CA PRO A 507 10.64 -13.79 -2.87
C PRO A 507 9.37 -14.16 -2.13
N TYR A 508 9.50 -14.44 -0.85
CA TYR A 508 8.33 -14.65 -0.02
C TYR A 508 7.67 -13.32 0.34
N ARG A 509 6.40 -13.39 0.67
CA ARG A 509 5.71 -12.29 1.36
C ARG A 509 5.71 -12.67 2.83
N VAL A 510 6.40 -11.88 3.67
CA VAL A 510 6.64 -12.31 5.05
C VAL A 510 6.04 -11.30 6.00
N HIS A 511 5.79 -11.75 7.23
CA HIS A 511 5.21 -10.90 8.27
C HIS A 511 5.61 -11.49 9.60
N PRO A 512 6.71 -11.03 10.20
CA PRO A 512 7.28 -11.73 11.36
C PRO A 512 6.41 -11.59 12.61
N ARG A 513 6.62 -12.51 13.54
CA ARG A 513 6.00 -12.38 14.86
C ARG A 513 6.51 -11.11 15.53
N PRO A 514 5.64 -10.33 16.18
CA PRO A 514 6.10 -9.09 16.82
C PRO A 514 6.84 -9.40 18.11
N SER A 515 7.68 -8.45 18.51
CA SER A 515 8.55 -8.65 19.67
C SER A 515 7.75 -8.69 20.98
N LYS A 516 8.40 -9.25 22.00
CA LYS A 516 7.82 -9.25 23.34
C LYS A 516 7.54 -7.83 23.84
N LYS A 517 8.46 -6.90 23.57
CA LYS A 517 8.28 -5.57 24.11
C LYS A 517 7.10 -4.86 23.45
N LYS A 518 6.93 -5.05 22.14
CA LYS A 518 5.80 -4.42 21.46
C LYS A 518 4.48 -5.02 21.94
N LEU A 519 4.42 -6.35 22.10
CA LEU A 519 3.23 -6.98 22.66
C LEU A 519 2.94 -6.48 24.07
N GLN A 520 3.97 -6.39 24.92
CA GLN A 520 3.75 -5.89 26.27
C GLN A 520 3.12 -4.50 26.26
N SER A 521 3.66 -3.60 25.44
CA SER A 521 3.11 -2.26 25.33
C SER A 521 1.64 -2.32 24.89
N LEU A 522 1.34 -3.13 23.88
CA LEU A 522 -0.02 -3.26 23.39
C LEU A 522 -0.97 -3.71 24.51
N ILE A 523 -0.56 -4.73 25.27
CA ILE A 523 -1.42 -5.29 26.31
C ILE A 523 -1.78 -4.25 27.36
N GLU A 524 -0.83 -3.38 27.72
CA GLU A 524 -1.11 -2.36 28.73
C GLU A 524 -2.04 -1.30 28.21
N THR A 525 -1.81 -0.82 26.98
CA THR A 525 -2.68 0.19 26.41
C THR A 525 -4.12 -0.32 26.34
N VAL A 526 -4.31 -1.53 25.82
CA VAL A 526 -5.68 -2.02 25.63
C VAL A 526 -6.29 -2.52 26.92
N GLY A 527 -5.47 -2.88 27.91
CA GLY A 527 -6.03 -3.24 29.21
C GLY A 527 -6.81 -2.10 29.84
N GLU A 528 -6.35 -0.86 29.63
CA GLU A 528 -7.08 0.31 30.16
C GLU A 528 -8.45 0.48 29.50
N LEU A 529 -8.77 -0.32 28.48
CA LEU A 529 -10.02 -0.25 27.75
C LEU A 529 -10.90 -1.46 28.02
N ASN A 530 -10.55 -2.27 29.01
CA ASN A 530 -11.24 -3.50 29.39
C ASN A 530 -11.10 -4.59 28.34
N ILE A 531 -10.09 -4.49 27.49
CA ILE A 531 -9.68 -5.63 26.67
C ILE A 531 -8.99 -6.64 27.56
N THR A 532 -9.35 -7.92 27.42
CA THR A 532 -8.84 -8.94 28.34
C THR A 532 -7.31 -8.98 28.32
N LYS A 533 -6.76 -9.46 29.42
CA LYS A 533 -5.34 -9.77 29.49
C LYS A 533 -5.10 -11.14 28.86
N PRO A 534 -4.25 -11.25 27.85
CA PRO A 534 -4.04 -12.54 27.20
C PRO A 534 -3.19 -13.45 28.07
N GLN A 535 -3.39 -14.75 27.89
CA GLN A 535 -2.70 -15.74 28.70
C GLN A 535 -1.52 -16.39 27.99
N PHE A 536 -1.28 -16.08 26.72
CA PHE A 536 -0.24 -16.76 25.97
C PHE A 536 1.15 -16.27 26.37
N ASN A 537 2.14 -17.11 26.10
CA ASN A 537 3.54 -16.72 26.24
C ASN A 537 3.90 -15.71 25.16
N LEU A 538 4.48 -14.57 25.56
CA LEU A 538 4.77 -13.51 24.59
C LEU A 538 5.96 -13.84 23.68
N ASP A 539 6.85 -14.72 24.10
CA ASP A 539 7.94 -15.18 23.22
C ASP A 539 7.42 -16.10 22.13
N THR A 540 6.35 -16.84 22.42
CA THR A 540 5.98 -18.01 21.67
C THR A 540 4.65 -17.89 20.96
N VAL A 541 4.00 -16.71 21.05
CA VAL A 541 2.60 -16.59 20.69
C VAL A 541 2.37 -16.98 19.23
N THR A 542 1.37 -17.82 19.01
CA THR A 542 1.02 -18.32 17.70
C THR A 542 -0.08 -17.45 17.11
N SER A 543 -0.27 -17.57 15.79
CA SER A 543 -1.38 -16.90 15.12
C SER A 543 -2.72 -17.30 15.74
N SER A 544 -2.89 -18.60 16.06
CA SER A 544 -4.14 -19.05 16.68
C SER A 544 -4.42 -18.32 17.98
N GLN A 545 -3.39 -18.08 18.78
CA GLN A 545 -3.60 -17.46 20.09
C GLN A 545 -3.99 -16.00 19.95
N ILE A 546 -3.41 -15.27 18.99
CA ILE A 546 -3.86 -13.90 18.75
C ILE A 546 -5.33 -13.91 18.32
N ALA A 547 -5.68 -14.83 17.41
CA ALA A 547 -7.06 -14.91 16.95
C ALA A 547 -8.03 -15.13 18.10
N SER A 548 -7.69 -16.04 19.02
CA SER A 548 -8.57 -16.30 20.15
C SER A 548 -8.68 -15.07 21.04
N TRP A 549 -7.57 -14.36 21.21
CA TRP A 549 -7.60 -13.13 21.99
C TRP A 549 -8.54 -12.10 21.36
N LEU A 550 -8.40 -11.87 20.05
CA LEU A 550 -9.33 -10.99 19.35
C LEU A 550 -10.77 -11.45 19.51
N ASN A 551 -11.02 -12.76 19.35
CA ASN A 551 -12.39 -13.26 19.37
C ASN A 551 -13.07 -13.00 20.71
N GLU A 552 -12.35 -13.18 21.82
CA GLU A 552 -12.98 -13.01 23.12
C GLU A 552 -13.21 -11.53 23.48
N ASN A 553 -12.84 -10.59 22.62
CA ASN A 553 -13.10 -9.18 22.88
C ASN A 553 -13.96 -8.56 21.79
N LYS A 554 -14.55 -9.38 20.91
CA LYS A 554 -15.22 -8.86 19.71
C LYS A 554 -16.34 -7.88 20.07
N ASP A 555 -16.97 -8.05 21.23
CA ASP A 555 -18.07 -7.20 21.66
C ASP A 555 -17.62 -5.97 22.44
N ASN A 556 -16.34 -5.84 22.72
CA ASN A 556 -15.87 -4.68 23.46
C ASN A 556 -16.12 -3.42 22.63
N PRO A 557 -16.62 -2.34 23.25
CA PRO A 557 -16.80 -1.09 22.50
C PRO A 557 -15.52 -0.56 21.90
N SER A 558 -14.35 -0.96 22.41
CA SER A 558 -13.08 -0.48 21.88
C SER A 558 -12.40 -1.50 20.96
N TYR A 559 -13.18 -2.42 20.37
CA TYR A 559 -12.57 -3.39 19.47
C TYR A 559 -11.89 -2.71 18.29
N GLU A 560 -12.42 -1.57 17.82
CA GLU A 560 -11.83 -0.91 16.65
C GLU A 560 -10.41 -0.40 16.96
N ILE A 561 -10.24 0.31 18.08
CA ILE A 561 -8.89 0.79 18.40
C ILE A 561 -7.99 -0.39 18.78
N PHE A 562 -8.55 -1.46 19.35
CA PHE A 562 -7.78 -2.68 19.59
C PHE A 562 -7.13 -3.19 18.29
N VAL A 563 -7.94 -3.38 17.23
CA VAL A 563 -7.39 -3.87 15.96
C VAL A 563 -6.40 -2.86 15.38
N ILE A 564 -6.74 -1.57 15.45
CA ILE A 564 -5.82 -0.54 15.00
C ILE A 564 -4.47 -0.70 15.68
N LEU A 565 -4.47 -0.80 17.01
CA LEU A 565 -3.23 -0.89 17.75
C LEU A 565 -2.50 -2.19 17.46
N LEU A 566 -3.25 -3.28 17.33
CA LEU A 566 -2.62 -4.55 16.95
C LEU A 566 -1.92 -4.46 15.59
N LEU A 567 -2.57 -3.80 14.63
CA LEU A 567 -1.97 -3.63 13.31
C LEU A 567 -0.67 -2.85 13.39
N ARG A 568 -0.63 -1.82 14.25
CA ARG A 568 0.60 -1.06 14.44
C ARG A 568 1.67 -1.95 15.08
N THR A 569 1.28 -2.73 16.07
CA THR A 569 2.21 -3.62 16.75
C THR A 569 2.81 -4.62 15.77
N LEU A 570 1.97 -5.19 14.89
CA LEU A 570 2.46 -6.17 13.93
C LEU A 570 3.35 -5.52 12.88
N GLY A 571 3.08 -4.26 12.57
CA GLY A 571 3.84 -3.60 11.54
C GLY A 571 3.51 -4.14 10.16
N LYS A 572 4.31 -3.68 9.20
CA LYS A 572 4.09 -3.94 7.79
C LYS A 572 4.63 -5.30 7.36
N ALA A 573 3.87 -6.01 6.52
CA ALA A 573 4.43 -7.15 5.80
C ALA A 573 5.39 -6.65 4.70
N PHE A 574 6.26 -7.52 4.21
CA PHE A 574 7.21 -7.11 3.18
C PHE A 574 7.69 -8.34 2.43
N TYR A 575 8.51 -8.13 1.41
CA TYR A 575 9.04 -9.27 0.65
C TYR A 575 10.46 -9.60 1.11
N SER A 576 10.80 -10.89 1.08
CA SER A 576 12.11 -11.38 1.50
C SER A 576 12.40 -12.71 0.83
N VAL A 577 13.65 -12.90 0.39
CA VAL A 577 14.04 -14.22 -0.11
C VAL A 577 14.30 -15.19 1.03
N ASN A 578 14.58 -14.69 2.25
CA ASN A 578 14.76 -15.59 3.38
C ASN A 578 13.42 -16.16 3.81
N PRO A 579 13.35 -17.45 4.10
CA PRO A 579 12.05 -18.10 4.42
C PRO A 579 11.52 -17.78 5.81
N LEU A 580 10.97 -16.58 5.96
CA LEU A 580 10.33 -16.17 7.20
C LEU A 580 8.83 -16.45 7.12
N MET A 581 8.21 -16.54 8.29
CA MET A 581 6.78 -16.84 8.38
C MET A 581 5.95 -15.64 7.94
N HIS A 582 4.67 -15.89 7.68
CA HIS A 582 3.66 -14.83 7.55
C HIS A 582 2.70 -15.02 8.72
N PHE A 583 2.92 -14.22 9.77
CA PHE A 583 2.27 -14.45 11.06
C PHE A 583 0.77 -14.18 10.99
N SER A 584 0.34 -13.15 10.24
CA SER A 584 -1.08 -12.82 10.22
C SER A 584 -1.88 -13.71 9.27
N ILE A 585 -1.31 -14.12 8.13
CA ILE A 585 -1.98 -15.13 7.31
C ILE A 585 -1.96 -16.50 7.99
N GLY A 586 -0.92 -16.80 8.76
CA GLY A 586 -0.83 -18.03 9.49
C GLY A 586 0.00 -19.13 8.87
N SER A 587 0.90 -18.82 7.94
CA SER A 587 1.63 -19.84 7.22
C SER A 587 3.13 -19.62 7.36
N ASN A 588 3.88 -20.72 7.35
CA ASN A 588 5.33 -20.58 7.36
C ASN A 588 5.90 -20.15 6.01
N HIS A 589 5.13 -20.26 4.92
CA HIS A 589 5.58 -19.86 3.60
C HIS A 589 4.42 -19.25 2.84
N TYR A 590 4.65 -18.09 2.24
CA TYR A 590 3.62 -17.36 1.55
C TYR A 590 4.30 -16.47 0.52
N THR A 591 3.65 -16.28 -0.62
CA THR A 591 4.14 -15.35 -1.66
C THR A 591 2.95 -14.77 -2.39
N HIS A 592 3.23 -13.94 -3.40
CA HIS A 592 2.20 -13.31 -4.22
C HIS A 592 2.31 -13.86 -5.63
N PHE A 593 1.26 -14.53 -6.08
CA PHE A 593 1.27 -15.25 -7.35
C PHE A 593 0.08 -14.87 -8.23
N THR A 594 -1.03 -14.46 -7.63
CA THR A 594 -2.29 -14.36 -8.38
C THR A 594 -2.53 -13.01 -9.07
N SER A 595 -1.63 -12.03 -8.95
CA SER A 595 -1.88 -10.70 -9.55
C SER A 595 -0.69 -10.18 -10.36
N PRO A 596 -0.17 -10.96 -11.33
CA PRO A 596 0.98 -10.48 -12.13
C PRO A 596 0.65 -9.33 -13.06
N ILE A 597 -0.62 -9.01 -13.32
CA ILE A 597 -0.88 -7.85 -14.16
C ILE A 597 -0.56 -6.56 -13.42
N ARG A 598 -0.48 -6.60 -12.07
CA ARG A 598 -0.36 -5.36 -11.30
C ARG A 598 0.68 -5.40 -10.21
N ARG A 599 1.44 -6.49 -10.06
CA ARG A 599 2.51 -6.56 -9.06
C ARG A 599 3.71 -7.24 -9.70
N TYR A 600 4.87 -6.62 -9.56
CA TYR A 600 6.07 -7.17 -10.17
C TYR A 600 6.54 -8.45 -9.47
N ILE A 601 6.29 -8.62 -8.17
CA ILE A 601 6.68 -9.86 -7.51
C ILE A 601 5.93 -11.06 -8.12
N ASP A 602 4.61 -10.92 -8.31
CA ASP A 602 3.84 -11.99 -8.95
C ASP A 602 4.40 -12.33 -10.33
N LEU A 603 4.75 -11.31 -11.12
CA LEU A 603 5.38 -11.54 -12.41
C LEU A 603 6.65 -12.35 -12.26
N THR A 604 7.48 -11.99 -11.26
CA THR A 604 8.70 -12.74 -11.00
C THR A 604 8.39 -14.19 -10.58
N ILE A 605 7.36 -14.39 -9.76
CA ILE A 605 7.02 -15.75 -9.34
C ILE A 605 6.66 -16.59 -10.56
N HIS A 606 5.85 -16.03 -11.46
CA HIS A 606 5.52 -16.71 -12.71
C HIS A 606 6.78 -17.05 -13.52
N ARG A 607 7.73 -16.11 -13.61
CA ARG A 607 8.96 -16.40 -14.34
C ARG A 607 9.70 -17.57 -13.73
N LEU A 608 9.76 -17.63 -12.40
CA LEU A 608 10.42 -18.75 -11.73
C LEU A 608 9.76 -20.07 -12.08
N LEU A 609 8.42 -20.12 -12.08
CA LEU A 609 7.72 -21.35 -12.43
C LEU A 609 8.10 -21.82 -13.82
N TRP A 610 8.09 -20.89 -14.79
CA TRP A 610 8.40 -21.22 -16.17
C TRP A 610 9.84 -21.74 -16.29
N MET A 611 10.78 -21.04 -15.64
CA MET A 611 12.19 -21.36 -15.84
C MET A 611 12.62 -22.61 -15.10
N HIS A 612 11.90 -23.00 -14.05
CA HIS A 612 12.32 -24.14 -13.25
C HIS A 612 11.42 -25.34 -13.36
N LEU A 613 10.11 -25.16 -13.53
CA LEU A 613 9.17 -26.27 -13.52
C LEU A 613 8.48 -26.52 -14.85
N PHE A 614 8.08 -25.47 -15.59
CA PHE A 614 7.28 -25.69 -16.79
C PHE A 614 8.13 -26.03 -18.01
N THR A 615 9.10 -25.17 -18.35
CA THR A 615 9.96 -25.40 -19.52
C THR A 615 11.42 -25.14 -19.19
N PRO A 616 11.99 -25.84 -18.20
CA PRO A 616 13.40 -25.57 -17.84
C PRO A 616 14.37 -25.83 -18.98
N ASP A 617 14.06 -26.75 -19.91
CA ASP A 617 14.99 -27.00 -21.01
C ASP A 617 15.14 -25.82 -21.96
N GLN A 618 14.19 -24.87 -21.95
CA GLN A 618 14.29 -23.69 -22.79
C GLN A 618 15.06 -22.55 -22.13
N PHE A 619 15.67 -22.78 -20.98
CA PHE A 619 16.47 -21.76 -20.30
C PHE A 619 17.80 -22.33 -19.85
N THR A 620 18.81 -21.48 -19.74
CA THR A 620 20.14 -21.86 -19.28
C THR A 620 20.23 -21.76 -17.76
N ASP A 621 21.22 -22.46 -17.20
CA ASP A 621 21.48 -22.34 -15.77
C ASP A 621 21.99 -20.97 -15.41
N ASN A 622 22.62 -20.28 -16.34
CA ASN A 622 23.04 -18.91 -16.08
C ASN A 622 21.85 -17.97 -16.01
N GLU A 623 20.81 -18.21 -16.83
CA GLU A 623 19.58 -17.44 -16.70
C GLU A 623 18.94 -17.68 -15.34
N ARG A 624 18.83 -18.95 -14.94
CA ARG A 624 18.25 -19.27 -13.64
C ARG A 624 19.09 -18.67 -12.51
N ASP A 625 20.41 -18.76 -12.61
CA ASP A 625 21.24 -18.20 -11.55
C ASP A 625 21.26 -16.67 -11.61
N GLN A 626 21.17 -16.08 -12.80
CA GLN A 626 21.09 -14.63 -12.90
C GLN A 626 19.83 -14.12 -12.20
N LEU A 627 18.70 -14.79 -12.43
CA LEU A 627 17.49 -14.34 -11.74
C LEU A 627 17.60 -14.58 -10.25
N LYS A 628 18.12 -15.75 -9.85
CA LYS A 628 18.28 -16.03 -8.42
C LYS A 628 19.10 -14.95 -7.73
N GLN A 629 20.23 -14.57 -8.34
CA GLN A 629 21.08 -13.55 -7.76
C GLN A 629 20.42 -12.20 -7.70
N GLU A 630 19.42 -11.93 -8.56
CA GLU A 630 18.76 -10.63 -8.51
C GLU A 630 17.55 -10.60 -7.58
N LEU A 631 17.12 -11.74 -7.03
CA LEU A 631 15.85 -11.76 -6.28
C LEU A 631 15.90 -10.79 -5.09
N GLU A 632 17.03 -10.76 -4.36
CA GLU A 632 17.01 -9.89 -3.18
C GLU A 632 16.99 -8.40 -3.56
N LYS A 633 17.59 -8.01 -4.70
CA LYS A 633 17.47 -6.61 -5.09
C LYS A 633 16.08 -6.30 -5.62
N ILE A 634 15.45 -7.26 -6.30
CA ILE A 634 14.06 -7.06 -6.71
C ILE A 634 13.20 -6.83 -5.48
N ALA A 635 13.35 -7.70 -4.48
CA ALA A 635 12.59 -7.53 -3.23
C ALA A 635 12.85 -6.16 -2.60
N ASP A 636 14.12 -5.74 -2.54
CA ASP A 636 14.47 -4.43 -1.97
C ASP A 636 13.78 -3.28 -2.72
N THR A 637 13.86 -3.28 -4.05
CA THR A 637 13.23 -2.21 -4.83
C THR A 637 11.72 -2.21 -4.65
N VAL A 638 11.10 -3.38 -4.64
CA VAL A 638 9.66 -3.46 -4.44
C VAL A 638 9.29 -2.99 -3.04
N ASN A 639 10.09 -3.36 -2.02
CA ASN A 639 9.82 -2.92 -0.65
C ASN A 639 9.96 -1.40 -0.55
N ASP A 640 11.03 -0.85 -1.13
CA ASP A 640 11.24 0.60 -1.04
C ASP A 640 10.13 1.35 -1.75
N THR A 641 9.71 0.85 -2.91
CA THR A 641 8.66 1.52 -3.66
C THR A 641 7.30 1.36 -2.99
N GLU A 642 7.08 0.23 -2.30
CA GLU A 642 5.83 0.06 -1.58
C GLU A 642 5.67 1.13 -0.50
N ILE A 643 6.76 1.47 0.20
CA ILE A 643 6.69 2.57 1.18
C ILE A 643 6.29 3.87 0.49
N LYS A 644 6.84 4.15 -0.70
CA LYS A 644 6.48 5.36 -1.43
C LYS A 644 5.00 5.35 -1.84
N ILE A 645 4.51 4.19 -2.27
CA ILE A 645 3.12 4.10 -2.73
C ILE A 645 2.16 4.35 -1.57
N ILE A 646 2.43 3.73 -0.42
CA ILE A 646 1.63 3.95 0.77
C ILE A 646 1.69 5.43 1.17
N ASN A 647 2.85 6.04 1.04
CA ASN A 647 2.94 7.45 1.40
C ASN A 647 2.14 8.30 0.42
N CYS A 648 2.21 7.96 -0.87
CA CYS A 648 1.42 8.64 -1.88
C CYS A 648 -0.09 8.53 -1.60
N GLU A 649 -0.57 7.32 -1.27
CA GLU A 649 -1.98 7.16 -0.87
C GLU A 649 -2.32 7.98 0.35
N ARG A 650 -1.44 8.00 1.36
CA ARG A 650 -1.71 8.81 2.54
C ARG A 650 -1.78 10.29 2.18
N ASN A 651 -0.79 10.77 1.41
CA ASN A 651 -0.81 12.16 0.93
C ASN A 651 -2.09 12.48 0.20
N ALA A 652 -2.50 11.61 -0.73
CA ALA A 652 -3.67 11.91 -1.54
C ALA A 652 -4.92 11.91 -0.66
N ASN A 653 -5.02 10.96 0.27
N ASN A 653 -5.03 10.96 0.27
CA ASN A 653 -6.15 10.90 1.20
CA ASN A 653 -6.19 10.93 1.15
C ASN A 653 -6.21 12.14 2.08
C ASN A 653 -6.23 12.15 2.08
N ASP A 654 -5.08 12.58 2.61
CA ASP A 654 -5.06 13.79 3.43
C ASP A 654 -5.45 15.02 2.63
N TYR A 655 -4.96 15.14 1.38
CA TYR A 655 -5.28 16.29 0.55
C TYR A 655 -6.79 16.34 0.27
N LEU A 656 -7.36 15.22 -0.16
CA LEU A 656 -8.77 15.22 -0.55
C LEU A 656 -9.68 15.34 0.64
N THR A 657 -9.34 14.68 1.75
CA THR A 657 -10.21 14.75 2.92
C THR A 657 -10.17 16.13 3.55
N THR A 658 -8.99 16.78 3.61
CA THR A 658 -9.00 18.14 4.16
C THR A 658 -9.69 19.10 3.22
N LEU A 659 -9.62 18.85 1.92
CA LEU A 659 -10.37 19.68 0.97
C LEU A 659 -11.87 19.56 1.22
N LEU A 660 -12.34 18.32 1.41
CA LEU A 660 -13.73 18.08 1.81
C LEU A 660 -14.05 18.78 3.14
N LEU A 661 -13.20 18.60 4.15
CA LEU A 661 -13.52 19.16 5.48
C LEU A 661 -13.44 20.69 5.52
N SER A 662 -12.74 21.32 4.57
CA SER A 662 -12.63 22.77 4.60
C SER A 662 -13.97 23.46 4.45
N LYS A 663 -15.00 22.75 4.04
CA LYS A 663 -16.32 23.34 3.94
C LYS A 663 -17.19 23.05 5.16
N GLN A 664 -16.60 22.48 6.22
CA GLN A 664 -17.38 22.08 7.39
C GLN A 664 -16.81 22.69 8.68
N ILE A 665 -16.09 23.81 8.57
CA ILE A 665 -15.56 24.46 9.75
C ILE A 665 -16.70 24.79 10.70
N GLY A 666 -16.48 24.57 12.00
CA GLY A 666 -17.49 24.81 12.99
C GLY A 666 -18.32 23.60 13.33
N LYS A 667 -18.29 22.56 12.50
CA LYS A 667 -19.05 21.35 12.77
C LYS A 667 -18.44 20.58 13.95
N THR A 668 -19.31 19.93 14.72
CA THR A 668 -18.93 19.12 15.85
C THR A 668 -18.85 17.65 15.45
N PHE A 669 -17.77 16.97 15.86
CA PHE A 669 -17.57 15.57 15.54
C PHE A 669 -17.32 14.77 16.81
N SER A 670 -17.96 13.61 16.90
CA SER A 670 -17.59 12.67 17.95
C SER A 670 -16.52 11.72 17.43
N GLY A 671 -15.76 11.13 18.35
CA GLY A 671 -14.72 10.22 17.93
C GLY A 671 -13.95 9.69 19.12
N PHE A 672 -12.83 9.03 18.81
CA PHE A 672 -11.99 8.44 19.84
C PHE A 672 -10.54 8.77 19.56
N ILE A 673 -9.76 8.75 20.64
CA ILE A 673 -8.33 9.04 20.54
C ILE A 673 -7.64 7.87 19.86
N SER A 674 -6.99 8.14 18.73
CA SER A 674 -6.26 7.10 18.03
C SER A 674 -4.76 7.16 18.27
N ALA A 675 -4.23 8.30 18.73
CA ALA A 675 -2.80 8.43 18.97
C ALA A 675 -2.59 9.63 19.89
N ILE A 676 -1.51 9.58 20.68
CA ILE A 676 -1.12 10.70 21.51
C ILE A 676 0.36 10.97 21.30
N THR A 677 0.70 12.23 20.99
CA THR A 677 2.07 12.66 20.75
C THR A 677 2.40 13.83 21.69
N SER A 678 3.67 14.26 21.64
CA SER A 678 4.07 15.40 22.47
C SER A 678 3.37 16.68 22.05
N PHE A 679 2.84 16.77 20.84
CA PHE A 679 2.19 18.01 20.43
C PHE A 679 0.66 17.94 20.48
N GLY A 680 0.07 16.80 20.85
CA GLY A 680 -1.34 16.80 21.18
C GLY A 680 -2.00 15.45 20.94
N ILE A 681 -3.32 15.52 20.75
CA ILE A 681 -4.18 14.35 20.65
C ILE A 681 -4.66 14.22 19.21
N PHE A 682 -4.52 13.02 18.64
CA PHE A 682 -5.19 12.67 17.38
C PHE A 682 -6.49 11.96 17.68
N MET A 683 -7.59 12.55 17.24
CA MET A 683 -8.93 12.01 17.44
C MET A 683 -9.45 11.52 16.09
N ARG A 684 -9.88 10.26 16.03
CA ARG A 684 -10.43 9.72 14.79
C ARG A 684 -11.93 9.98 14.75
N MET A 685 -12.37 10.77 13.78
CA MET A 685 -13.78 11.17 13.73
C MET A 685 -14.66 10.02 13.27
N ASP A 686 -15.75 9.77 14.01
CA ASP A 686 -16.66 8.67 13.67
C ASP A 686 -17.22 8.82 12.25
N GLU A 687 -17.56 10.04 11.85
CA GLU A 687 -18.33 10.24 10.62
C GLU A 687 -17.49 10.02 9.37
N ASN A 688 -16.18 10.16 9.45
CA ASN A 688 -15.33 10.10 8.26
C ASN A 688 -14.07 9.28 8.44
N ASN A 689 -13.83 8.72 9.63
CA ASN A 689 -12.67 7.88 9.90
C ASN A 689 -11.33 8.59 9.74
N PHE A 690 -11.30 9.92 9.77
CA PHE A 690 -10.08 10.69 9.59
C PHE A 690 -9.56 11.21 10.95
N ASP A 691 -8.25 11.25 11.11
CA ASP A 691 -7.64 11.74 12.35
C ASP A 691 -7.48 13.26 12.27
N GLY A 692 -8.05 13.98 13.23
CA GLY A 692 -7.74 15.39 13.40
C GLY A 692 -6.85 15.61 14.61
N LEU A 693 -6.17 16.75 14.63
CA LEU A 693 -5.24 17.06 15.69
C LEU A 693 -5.87 18.04 16.69
N ILE A 694 -5.83 17.69 17.98
CA ILE A 694 -6.17 18.58 19.08
C ILE A 694 -4.84 19.04 19.68
N LYS A 695 -4.49 20.30 19.52
CA LYS A 695 -3.17 20.76 19.97
C LYS A 695 -3.06 20.78 21.50
N ILE A 696 -1.91 20.34 22.01
CA ILE A 696 -1.79 20.13 23.45
C ILE A 696 -2.00 21.44 24.22
N THR A 697 -1.51 22.56 23.69
CA THR A 697 -1.53 23.80 24.46
C THR A 697 -2.94 24.30 24.73
N THR A 698 -3.88 23.97 23.85
CA THR A 698 -5.22 24.54 23.88
C THR A 698 -6.22 23.65 24.65
N ILE A 699 -5.79 22.51 25.16
CA ILE A 699 -6.71 21.63 25.90
C ILE A 699 -7.18 22.35 27.17
N PRO A 700 -8.47 22.43 27.44
CA PRO A 700 -8.96 23.22 28.58
C PRO A 700 -8.74 22.55 29.95
N ASP A 701 -8.86 23.37 30.99
CA ASP A 701 -9.08 23.04 32.40
C ASP A 701 -7.81 22.70 33.18
N ASP A 702 -6.67 22.54 32.53
CA ASP A 702 -5.45 22.15 33.24
C ASP A 702 -4.29 22.40 32.27
N PHE A 703 -3.07 22.28 32.80
CA PHE A 703 -1.87 22.25 31.97
C PHE A 703 -1.48 20.78 31.80
N PHE A 704 -1.41 20.32 30.56
CA PHE A 704 -1.23 18.89 30.31
C PHE A 704 0.18 18.59 29.88
N ILE A 705 0.71 17.46 30.37
CA ILE A 705 2.08 17.06 30.13
C ILE A 705 2.08 15.70 29.46
N PHE A 706 2.88 15.57 28.41
CA PHE A 706 3.04 14.31 27.70
C PHE A 706 3.92 13.36 28.49
N GLU A 707 3.37 12.20 28.84
CA GLU A 707 4.10 11.12 29.47
C GLU A 707 4.27 10.02 28.44
N LYS A 708 5.51 9.80 28.09
CA LYS A 708 5.88 9.01 26.92
C LYS A 708 5.72 7.51 27.16
N GLU A 709 5.82 7.04 28.42
CA GLU A 709 5.95 5.60 28.63
C GLU A 709 4.61 4.92 28.39
N LYS A 710 3.57 5.57 28.86
CA LYS A 710 2.22 5.16 28.61
C LYS A 710 1.57 5.87 27.42
N MET A 711 2.22 6.88 26.86
CA MET A 711 1.65 7.70 25.78
C MET A 711 0.28 8.25 26.19
N VAL A 712 0.32 9.09 27.22
CA VAL A 712 -0.88 9.74 27.74
C VAL A 712 -0.53 11.21 27.96
N LEU A 713 -1.56 12.05 28.00
CA LEU A 713 -1.42 13.40 28.50
C LEU A 713 -2.05 13.43 29.89
N LYS A 714 -1.31 13.95 30.87
CA LYS A 714 -1.78 14.04 32.25
C LYS A 714 -1.81 15.49 32.68
N GLY A 715 -2.90 15.91 33.33
CA GLY A 715 -3.03 17.27 33.80
C GLY A 715 -2.36 17.43 35.15
N ARG A 716 -1.47 18.43 35.26
CA ARG A 716 -0.65 18.51 36.46
C ARG A 716 -1.46 18.87 37.71
N LYS A 717 -2.53 19.63 37.55
CA LYS A 717 -3.31 20.06 38.70
C LYS A 717 -4.43 19.07 39.05
N THR A 718 -5.14 18.55 38.05
CA THR A 718 -6.31 17.70 38.25
C THR A 718 -6.02 16.22 38.08
N ASN A 719 -4.86 15.85 37.56
CA ASN A 719 -4.51 14.47 37.27
C ASN A 719 -5.44 13.83 36.23
N LYS A 720 -6.22 14.64 35.51
CA LYS A 720 -6.99 14.14 34.38
C LYS A 720 -6.06 13.54 33.34
N VAL A 721 -6.43 12.35 32.82
CA VAL A 721 -5.62 11.62 31.86
C VAL A 721 -6.36 11.53 30.53
N TYR A 722 -5.70 11.88 29.44
CA TYR A 722 -6.14 11.50 28.11
C TYR A 722 -5.32 10.31 27.66
N LYS A 723 -6.01 9.24 27.23
CA LYS A 723 -5.35 8.03 26.78
C LYS A 723 -5.96 7.55 25.47
N ILE A 724 -5.19 6.73 24.76
CA ILE A 724 -5.65 6.13 23.52
C ILE A 724 -6.90 5.31 23.80
N GLY A 725 -7.92 5.51 22.96
CA GLY A 725 -9.19 4.84 23.09
C GLY A 725 -10.29 5.69 23.71
N ASP A 726 -9.94 6.80 24.38
CA ASP A 726 -10.94 7.63 25.02
C ASP A 726 -11.91 8.22 24.00
N ARG A 727 -13.19 8.33 24.39
CA ARG A 727 -14.21 8.95 23.55
C ARG A 727 -14.21 10.46 23.76
N LEU A 728 -14.32 11.22 22.67
CA LEU A 728 -14.27 12.67 22.72
C LEU A 728 -15.32 13.27 21.80
N GLU A 729 -15.58 14.56 22.00
CA GLU A 729 -16.34 15.41 21.09
C GLU A 729 -15.51 16.65 20.82
N ALA A 730 -15.43 17.06 19.56
CA ALA A 730 -14.59 18.21 19.25
C ALA A 730 -15.14 18.94 18.04
N LYS A 731 -14.77 20.22 17.95
CA LYS A 731 -15.22 21.11 16.90
C LYS A 731 -14.09 21.22 15.87
N LEU A 732 -14.44 21.12 14.59
CA LEU A 732 -13.46 21.41 13.53
C LEU A 732 -13.24 22.92 13.50
N SER A 733 -12.05 23.37 13.92
CA SER A 733 -11.78 24.79 14.02
C SER A 733 -11.03 25.32 12.82
N GLU A 734 -10.12 24.54 12.24
CA GLU A 734 -9.45 25.00 11.03
C GLU A 734 -8.87 23.82 10.28
N ILE A 735 -8.59 24.06 9.00
CA ILE A 735 -7.77 23.19 8.17
C ILE A 735 -6.40 23.82 8.03
N ASP A 736 -5.36 23.08 8.36
CA ASP A 736 -3.97 23.49 8.10
C ASP A 736 -3.64 23.00 6.70
N PHE A 737 -3.66 23.90 5.73
CA PHE A 737 -3.43 23.49 4.34
C PHE A 737 -1.96 23.27 4.05
N ILE A 738 -1.06 23.86 4.84
CA ILE A 738 0.37 23.57 4.69
C ILE A 738 0.66 22.10 4.99
N GLN A 739 0.22 21.62 6.15
CA GLN A 739 0.47 20.23 6.50
C GLN A 739 -0.67 19.28 6.11
N LYS A 740 -1.77 19.81 5.58
CA LYS A 740 -2.94 18.98 5.23
C LYS A 740 -3.44 18.23 6.46
N ARG A 741 -3.80 19.00 7.48
N ARG A 741 -3.80 19.00 7.47
CA ARG A 741 -4.28 18.48 8.76
CA ARG A 741 -4.30 18.50 8.74
C ARG A 741 -5.57 19.19 9.12
C ARG A 741 -5.62 19.17 9.07
N ALA A 742 -6.46 18.45 9.80
CA ALA A 742 -7.69 19.00 10.36
C ALA A 742 -7.40 19.31 11.82
N ILE A 743 -7.63 20.56 12.23
CA ILE A 743 -7.40 20.98 13.60
C ILE A 743 -8.73 21.02 14.34
N LEU A 744 -8.79 20.36 15.50
CA LEU A 744 -10.00 20.24 16.29
C LEU A 744 -9.79 20.91 17.64
N THR A 745 -10.87 21.43 18.22
CA THR A 745 -10.82 21.92 19.60
C THR A 745 -11.89 21.22 20.44
N LEU A 746 -11.50 20.78 21.63
CA LEU A 746 -12.45 20.05 22.47
C LEU A 746 -13.65 20.92 22.79
N ILE A 747 -14.84 20.32 22.74
CA ILE A 747 -16.05 21.02 23.16
C ILE A 747 -16.85 20.19 24.16
MG MG B . -9.73 -10.62 -10.21
#